data_7VLR
#
_entry.id   7VLR
#
_cell.length_a   1.00
_cell.length_b   1.00
_cell.length_c   1.00
_cell.angle_alpha   90.00
_cell.angle_beta   90.00
_cell.angle_gamma   90.00
#
_symmetry.space_group_name_H-M   'P 1'
#
loop_
_entity.id
_entity.type
_entity.pdbx_description
1 polymer 'Isoform SUR2B of ATP-binding cassette sub-family C member 9'
2 non-polymer 'CHOLESTEROL HEMISUCCINATE'
3 non-polymer "ADENOSINE-5'-DIPHOSPHATE"
4 non-polymer 'MAGNESIUM ION'
5 non-polymer "ADENOSINE-5'-TRIPHOSPHATE"
#
_entity_poly.entity_id   1
_entity_poly.type   'polypeptide(L)'
_entity_poly.pdbx_seq_one_letter_code
;MSLSFCGNNISSYNIYHGVLQNPCFVDALNLVPHVFLLFITFPILFIGWGSQSSKVQIHHNTWLHFPGHNLRWILTFALL
FVHVCEIAEGIVSDSQRASRHLHLFMPAVMGFVATTTSIVYYHNIETSNFPKLLLALFLYWVMAFITKTIKLVKYWQLGW
GMSDLRFCITGVMVILNGLLMAVEINVIRVRRYVFFMNPQKVKPPEDLQDLGVRFLQPFVNLLSKATYWWMNTLIISAHR
KPIDLKAIGKLPIAMRAVTNYVCLKEAYEEQKKKAADHPNRTPSIWLAMYRAFGRPILLSSTFRYLADLLGFAGPLCISG
IVQRVNEPKNNTTRFSETLSSKEFLENAHVLAVLLFLALILQRTFLQASYYVTIETGINLRGALLAMIYNKILRLSTSNL
SMGEMTLGQINNLVAIETNQLMWFLFLCPNLWAMPVQIIMGVILLYNLLGSSALVGAAVIVLLAPIQYFIATKLAEAQKS
TLDYSTERLKKTNEILKGIKLLKLYAWEHIFCKSVEETRMKELSSLKTFALYTSLSIFMNAAIPIAAVLATFVTHAYASG
NNLKPAEAFASLSLFHILVTPLFLLSTVVRFAVKAIISVQKLNEFLLSDEIGEDSWRTGEGTLPFESCKKHTGVQSKPIN
RKQPGRYHLDNYEQARRLRPAETEDVAIKVTNGYFSWGSGLATLSNIDIRIPTGQLTMIVGQVGCGKSSLLLAILGEMQT
LEGKVYWNNVNESEPSFEATRSRSRYSVAYAAQKPWLLNATVEENITFGSSFNRQRYKAVTDACSLQPDIDLLPFGDQTE
IGERGINLSGGQRQRICVARALYQNTNIVFLDDPFSALDIHLSDHLMQEGILKFLQDDKRTVVLVTHKLQYLTHADWIIA
MKDGSVLREGTLKDIQTKDVELYEHWKTLMNRQDQELEKDMEADQTTLERKTLRRAMYSREAKAQMEDEDEEEEEEEDED
DNMSTVMRLRTKMPWKTCWWYLTSGGFFLLFLMIFSKLLKHSVIVAIDYWLATWTSEYSINDPGKADQTFYVAGFSILCG
AGIFLCLVTSLTVEWMGLTAAKNLHHNLLNKIILGPIRFFDTTPLGLILNRFSADTNIIDQHIPPTLESLTRSTLLCLSA
IGMISYATPVFLIALAPLGVAFYFIQKYFRVASKDLQELDDSTQLPLLCHFSETAEGLTTIRAFRHETRFKQRMLELTDT
NNIAYLFLSAANRWLEVRTDYLGACIVLTASIASISGSSNSGLVGLGLLYALTITNYLNWVVRNLADLEVQMGAVKKVNS
FLTMESENYEGTMDPSQVPEHWPQEGEIKIHDLCVRYENNLKPVLKHVKAYIKPGQKVGICGRTGSGKSSLSLAFFRMVD
IFDGKIVIDGIDISKLPLHTLRSRLSIILQDPILFSGSIRFNLDPECKCTDDRLWEALEIAQLKNMVKSLPGGLDATVTE
GGENFSVGQRQLFCLARAFVRKSSILIMDEATASIDMATENILQKVVMTAFADRTVVTIAHRVHTILTADLVIVMKRGNI
LEYDTPESLLAQEDGVFASFVRADM
;
_entity_poly.pdbx_strand_id   A
#
loop_
_chem_comp.id
_chem_comp.type
_chem_comp.name
_chem_comp.formula
ADP non-polymer ADENOSINE-5'-DIPHOSPHATE 'C10 H15 N5 O10 P2'
ATP non-polymer ADENOSINE-5'-TRIPHOSPHATE 'C10 H16 N5 O13 P3'
MG non-polymer 'MAGNESIUM ION' 'Mg 2'
Y01 non-polymer 'CHOLESTEROL HEMISUCCINATE' 'C31 H50 O4'
#
# COMPACT_ATOMS: atom_id res chain seq x y z
N LYS A 250 -30.00 4.67 -4.04
CA LYS A 250 -28.73 4.04 -3.68
C LYS A 250 -28.12 4.69 -2.44
N LEU A 251 -27.95 6.01 -2.49
CA LEU A 251 -27.33 6.78 -1.41
C LEU A 251 -27.93 8.17 -1.51
N PRO A 252 -28.25 8.80 -0.37
CA PRO A 252 -28.92 10.10 -0.44
C PRO A 252 -28.05 11.14 -1.14
N ILE A 253 -28.72 12.08 -1.80
CA ILE A 253 -28.01 13.10 -2.57
C ILE A 253 -27.00 13.82 -1.69
N ALA A 254 -27.30 14.00 -0.41
CA ALA A 254 -26.38 14.67 0.49
C ALA A 254 -25.10 13.87 0.68
N MET A 255 -25.19 12.54 0.62
CA MET A 255 -24.05 11.68 0.88
C MET A 255 -23.38 11.17 -0.39
N ARG A 256 -23.89 11.51 -1.56
CA ARG A 256 -23.21 11.17 -2.80
C ARG A 256 -21.83 11.82 -2.82
N ALA A 257 -20.84 11.07 -3.29
CA ALA A 257 -19.48 11.61 -3.32
C ALA A 257 -19.39 12.86 -4.20
N VAL A 258 -20.26 12.97 -5.20
CA VAL A 258 -20.13 14.07 -6.16
C VAL A 258 -20.41 15.42 -5.49
N THR A 259 -21.50 15.49 -4.71
CA THR A 259 -21.89 16.75 -4.09
C THR A 259 -20.86 17.19 -3.05
N ASN A 260 -20.45 16.26 -2.19
CA ASN A 260 -19.44 16.60 -1.19
C ASN A 260 -18.13 16.99 -1.87
N TYR A 261 -17.77 16.32 -2.96
CA TYR A 261 -16.58 16.71 -3.69
C TYR A 261 -16.70 18.11 -4.24
N VAL A 262 -17.86 18.46 -4.80
CA VAL A 262 -18.05 19.81 -5.31
C VAL A 262 -17.84 20.83 -4.19
N CYS A 263 -18.44 20.57 -3.03
CA CYS A 263 -18.32 21.50 -1.91
C CYS A 263 -16.86 21.65 -1.49
N LEU A 264 -16.17 20.53 -1.29
CA LEU A 264 -14.78 20.59 -0.82
C LEU A 264 -13.89 21.26 -1.85
N LYS A 265 -14.09 20.95 -3.13
CA LYS A 265 -13.27 21.56 -4.17
C LYS A 265 -13.49 23.07 -4.22
N GLU A 266 -14.74 23.52 -4.11
CA GLU A 266 -14.99 24.96 -4.13
C GLU A 266 -14.33 25.64 -2.94
N ALA A 267 -14.45 25.04 -1.75
CA ALA A 267 -13.80 25.64 -0.58
C ALA A 267 -12.28 25.67 -0.75
N TYR A 268 -11.70 24.59 -1.30
CA TYR A 268 -10.27 24.53 -1.50
C TYR A 268 -9.82 25.53 -2.56
N GLU A 269 -10.65 25.79 -3.56
CA GLU A 269 -10.31 26.79 -4.56
C GLU A 269 -10.34 28.20 -3.97
N GLU A 270 -11.32 28.47 -3.11
CA GLU A 270 -11.32 29.76 -2.40
C GLU A 270 -10.07 29.90 -1.54
N GLN A 271 -9.68 28.82 -0.86
CA GLN A 271 -8.44 28.84 -0.08
C GLN A 271 -7.24 29.06 -0.99
N LYS A 272 -7.28 28.50 -2.20
CA LYS A 272 -6.19 28.70 -3.15
C LYS A 272 -6.09 30.17 -3.55
N LYS A 273 -7.22 30.81 -3.77
CA LYS A 273 -7.21 32.25 -4.06
C LYS A 273 -6.59 33.03 -2.89
N LYS A 274 -7.03 32.70 -1.67
CA LYS A 274 -6.49 33.38 -0.49
C LYS A 274 -4.98 33.19 -0.39
N ALA A 275 -4.52 31.97 -0.66
CA ALA A 275 -3.08 31.69 -0.64
C ALA A 275 -2.36 32.47 -1.73
N ALA A 276 -2.95 32.55 -2.92
CA ALA A 276 -2.34 33.31 -4.01
C ALA A 276 -2.15 34.76 -3.62
N ASP A 277 -3.11 35.33 -2.88
CA ASP A 277 -2.97 36.70 -2.44
C ASP A 277 -1.67 36.91 -1.66
N HIS A 278 -1.51 36.19 -0.56
CA HIS A 278 -0.38 36.40 0.34
C HIS A 278 0.86 35.66 -0.14
N PRO A 279 2.04 36.05 0.35
CA PRO A 279 3.26 35.28 0.05
C PRO A 279 3.29 33.92 0.73
N ASN A 280 2.41 33.67 1.71
CA ASN A 280 2.37 32.35 2.35
C ASN A 280 2.19 31.26 1.31
N ARG A 281 1.24 31.45 0.39
CA ARG A 281 1.08 30.60 -0.78
C ARG A 281 1.03 29.12 -0.40
N THR A 282 0.22 28.82 0.62
CA THR A 282 0.01 27.44 1.04
C THR A 282 -1.48 27.21 1.27
N PRO A 283 -2.23 26.88 0.21
CA PRO A 283 -3.64 26.52 0.39
C PRO A 283 -3.78 25.42 1.44
N SER A 284 -4.65 25.64 2.41
CA SER A 284 -4.75 24.79 3.59
C SER A 284 -5.99 23.92 3.46
N ILE A 285 -5.79 22.60 3.55
CA ILE A 285 -6.93 21.68 3.53
C ILE A 285 -7.79 21.88 4.77
N TRP A 286 -7.18 22.20 5.92
CA TRP A 286 -7.94 22.28 7.15
C TRP A 286 -9.02 23.35 7.07
N LEU A 287 -8.69 24.54 6.58
CA LEU A 287 -9.68 25.61 6.49
C LEU A 287 -10.73 25.29 5.43
N ALA A 288 -10.32 24.69 4.32
CA ALA A 288 -11.28 24.30 3.29
C ALA A 288 -12.30 23.31 3.85
N MET A 289 -11.80 22.28 4.54
CA MET A 289 -12.70 21.32 5.18
C MET A 289 -13.58 21.99 6.21
N TYR A 290 -13.01 22.91 6.98
CA TYR A 290 -13.82 23.62 7.98
C TYR A 290 -14.99 24.32 7.31
N ARG A 291 -14.70 25.15 6.30
CA ARG A 291 -15.77 25.90 5.65
C ARG A 291 -16.79 24.97 5.01
N ALA A 292 -16.32 23.86 4.43
CA ALA A 292 -17.24 22.97 3.72
C ALA A 292 -18.11 22.17 4.67
N PHE A 293 -17.53 21.60 5.73
CA PHE A 293 -18.20 20.60 6.55
C PHE A 293 -18.26 21.01 8.03
N GLY A 294 -18.29 22.31 8.32
CA GLY A 294 -18.36 22.74 9.70
C GLY A 294 -19.70 22.55 10.37
N ARG A 295 -20.76 23.09 9.78
CA ARG A 295 -22.09 23.04 10.39
C ARG A 295 -22.45 21.67 10.94
N PRO A 296 -22.23 20.57 10.23
CA PRO A 296 -22.43 19.25 10.86
C PRO A 296 -21.67 19.10 12.18
N ILE A 297 -20.39 19.44 12.18
CA ILE A 297 -19.58 19.28 13.38
C ILE A 297 -20.06 20.22 14.48
N LEU A 298 -20.50 21.42 14.11
CA LEU A 298 -21.06 22.34 15.10
C LEU A 298 -22.30 21.73 15.75
N LEU A 299 -23.18 21.12 14.95
CA LEU A 299 -24.36 20.45 15.53
C LEU A 299 -23.95 19.33 16.47
N SER A 300 -22.96 18.52 16.07
CA SER A 300 -22.51 17.44 16.93
C SER A 300 -21.95 17.98 18.23
N SER A 301 -21.20 19.07 18.17
CA SER A 301 -20.65 19.68 19.39
C SER A 301 -21.76 20.16 20.30
N THR A 302 -22.80 20.76 19.72
CA THR A 302 -23.96 21.17 20.53
C THR A 302 -24.56 19.98 21.27
N PHE A 303 -24.80 18.89 20.54
CA PHE A 303 -25.37 17.70 21.18
C PHE A 303 -24.48 17.22 22.32
N ARG A 304 -23.16 17.19 22.09
CA ARG A 304 -22.25 16.70 23.13
C ARG A 304 -22.28 17.61 24.36
N TYR A 305 -22.35 18.92 24.15
CA TYR A 305 -22.40 19.84 25.29
C TYR A 305 -23.67 19.61 26.10
N LEU A 306 -24.78 19.30 25.44
CA LEU A 306 -25.98 18.92 26.19
C LEU A 306 -25.75 17.64 26.99
N ALA A 307 -25.12 16.65 26.35
CA ALA A 307 -24.86 15.37 27.01
C ALA A 307 -24.04 15.57 28.28
N ASP A 308 -23.12 16.55 28.27
CA ASP A 308 -22.27 16.76 29.43
C ASP A 308 -23.07 17.22 30.65
N LEU A 309 -24.01 18.14 30.45
CA LEU A 309 -24.86 18.56 31.55
C LEU A 309 -25.71 17.40 32.06
N LEU A 310 -26.32 16.66 31.13
CA LEU A 310 -27.10 15.49 31.57
C LEU A 310 -26.22 14.50 32.32
N GLY A 311 -24.92 14.46 32.03
CA GLY A 311 -24.01 13.65 32.82
C GLY A 311 -23.77 14.20 34.21
N PHE A 312 -23.58 15.53 34.32
CA PHE A 312 -23.43 16.14 35.62
C PHE A 312 -24.66 15.89 36.48
N ALA A 313 -25.81 15.60 35.86
CA ALA A 313 -27.00 15.23 36.62
C ALA A 313 -26.69 14.15 37.67
N GLY A 314 -25.69 13.31 37.42
CA GLY A 314 -25.37 12.21 38.31
C GLY A 314 -25.00 12.63 39.71
N PRO A 315 -23.90 13.39 39.84
CA PRO A 315 -23.48 13.84 41.18
C PRO A 315 -24.60 14.40 42.04
N LEU A 316 -25.50 15.19 41.46
CA LEU A 316 -26.58 15.78 42.25
C LEU A 316 -27.47 14.70 42.86
N CYS A 317 -27.84 13.72 42.05
CA CYS A 317 -28.75 12.68 42.51
C CYS A 317 -28.05 11.75 43.50
N ILE A 318 -26.77 11.49 43.27
CA ILE A 318 -26.03 10.66 44.24
C ILE A 318 -25.97 11.37 45.59
N SER A 319 -25.70 12.68 45.56
CA SER A 319 -25.70 13.46 46.80
C SER A 319 -27.05 13.35 47.48
N GLY A 320 -28.13 13.56 46.75
CA GLY A 320 -29.44 13.51 47.37
C GLY A 320 -29.75 12.14 47.96
N ILE A 321 -29.48 11.07 47.20
CA ILE A 321 -29.79 9.71 47.67
C ILE A 321 -28.99 9.39 48.92
N VAL A 322 -27.69 9.72 48.91
CA VAL A 322 -26.85 9.41 50.07
C VAL A 322 -27.34 10.18 51.28
N GLN A 323 -27.66 11.47 51.09
CA GLN A 323 -28.14 12.27 52.22
C GLN A 323 -29.42 11.69 52.80
N ARG A 324 -30.33 11.23 51.94
CA ARG A 324 -31.61 10.74 52.44
C ARG A 324 -31.46 9.38 53.12
N VAL A 325 -30.63 8.49 52.55
CA VAL A 325 -30.42 7.20 53.21
C VAL A 325 -29.72 7.41 54.54
N ASN A 326 -28.82 8.40 54.63
CA ASN A 326 -28.11 8.63 55.87
C ASN A 326 -29.06 9.03 57.00
N GLU A 327 -30.05 9.87 56.69
CA GLU A 327 -31.00 10.33 57.69
C GLU A 327 -32.43 10.22 57.19
N SER A 341 -45.02 20.27 48.77
CA SER A 341 -44.09 20.70 47.73
C SER A 341 -42.69 20.15 47.99
N LYS A 342 -42.12 19.48 46.99
CA LYS A 342 -40.78 18.89 47.03
C LYS A 342 -40.73 17.62 47.87
N GLU A 343 -41.88 17.09 48.30
CA GLU A 343 -41.89 15.79 48.97
C GLU A 343 -41.38 14.70 48.04
N PHE A 344 -41.81 14.75 46.77
CA PHE A 344 -41.27 13.83 45.77
C PHE A 344 -39.80 14.10 45.51
N LEU A 345 -39.39 15.37 45.62
CA LEU A 345 -38.04 15.75 45.18
C LEU A 345 -36.96 15.02 45.97
N GLU A 346 -37.13 14.91 47.28
CA GLU A 346 -36.08 14.37 48.13
C GLU A 346 -36.10 12.84 48.21
N ASN A 347 -37.27 12.21 48.05
CA ASN A 347 -37.37 10.77 48.20
C ASN A 347 -36.33 10.07 47.33
N ALA A 348 -35.65 9.09 47.92
CA ALA A 348 -34.51 8.46 47.25
C ALA A 348 -34.95 7.77 45.95
N HIS A 349 -36.08 7.06 45.98
CA HIS A 349 -36.53 6.34 44.79
C HIS A 349 -36.91 7.30 43.66
N VAL A 350 -37.54 8.42 44.00
CA VAL A 350 -37.82 9.43 42.98
C VAL A 350 -36.53 9.95 42.36
N LEU A 351 -35.52 10.21 43.21
CA LEU A 351 -34.23 10.63 42.68
C LEU A 351 -33.63 9.58 41.77
N ALA A 352 -33.77 8.30 42.12
CA ALA A 352 -33.23 7.24 41.28
C ALA A 352 -33.92 7.21 39.92
N VAL A 353 -35.23 7.36 39.90
CA VAL A 353 -35.96 7.41 38.63
C VAL A 353 -35.49 8.59 37.79
N LEU A 354 -35.34 9.75 38.43
CA LEU A 354 -34.86 10.92 37.71
C LEU A 354 -33.46 10.68 37.14
N LEU A 355 -32.60 10.03 37.92
CA LEU A 355 -31.24 9.73 37.46
C LEU A 355 -31.28 8.82 36.24
N PHE A 356 -32.13 7.79 36.27
CA PHE A 356 -32.23 6.90 35.12
C PHE A 356 -32.68 7.65 33.88
N LEU A 357 -33.69 8.51 34.03
CA LEU A 357 -34.19 9.27 32.88
C LEU A 357 -33.11 10.18 32.32
N ALA A 358 -32.41 10.91 33.20
CA ALA A 358 -31.34 11.78 32.74
C ALA A 358 -30.24 10.99 32.06
N LEU A 359 -29.94 9.79 32.55
CA LEU A 359 -28.90 8.98 31.94
C LEU A 359 -29.29 8.58 30.52
N ILE A 360 -30.52 8.07 30.35
CA ILE A 360 -30.92 7.65 29.00
C ILE A 360 -30.90 8.84 28.05
N LEU A 361 -31.32 10.02 28.53
CA LEU A 361 -31.30 11.19 27.66
C LEU A 361 -29.87 11.59 27.30
N GLN A 362 -28.95 11.51 28.26
CA GLN A 362 -27.56 11.82 27.96
C GLN A 362 -27.01 10.87 26.90
N ARG A 363 -27.27 9.59 27.05
CA ARG A 363 -26.77 8.63 26.06
C ARG A 363 -27.38 8.88 24.69
N THR A 364 -28.66 9.28 24.65
CA THR A 364 -29.28 9.63 23.38
C THR A 364 -28.55 10.78 22.71
N PHE A 365 -28.28 11.85 23.47
CA PHE A 365 -27.56 12.99 22.88
C PHE A 365 -26.17 12.57 22.42
N LEU A 366 -25.48 11.75 23.21
CA LEU A 366 -24.13 11.30 22.84
C LEU A 366 -24.15 10.53 21.54
N GLN A 367 -25.11 9.60 21.38
CA GLN A 367 -25.22 8.85 20.14
C GLN A 367 -25.60 9.75 18.97
N ALA A 368 -26.40 10.79 19.22
CA ALA A 368 -26.73 11.74 18.15
C ALA A 368 -25.48 12.46 17.66
N SER A 369 -24.64 12.92 18.59
CA SER A 369 -23.39 13.58 18.21
C SER A 369 -22.51 12.62 17.43
N TYR A 370 -22.37 11.39 17.92
CA TYR A 370 -21.57 10.40 17.20
C TYR A 370 -22.12 10.17 15.79
N TYR A 371 -23.45 10.12 15.65
CA TYR A 371 -24.05 9.91 14.35
C TYR A 371 -23.69 11.03 13.39
N VAL A 372 -23.88 12.28 13.82
CA VAL A 372 -23.57 13.40 12.95
C VAL A 372 -22.11 13.35 12.53
N THR A 373 -21.23 13.05 13.49
CA THR A 373 -19.80 13.07 13.18
C THR A 373 -19.42 11.95 12.21
N ILE A 374 -20.01 10.76 12.37
CA ILE A 374 -19.66 9.68 11.44
C ILE A 374 -20.18 10.00 10.05
N GLU A 375 -21.38 10.58 9.97
CA GLU A 375 -21.91 10.97 8.66
C GLU A 375 -21.00 11.98 7.99
N THR A 376 -20.58 13.00 8.74
CA THR A 376 -19.69 14.01 8.18
C THR A 376 -18.35 13.40 7.77
N GLY A 377 -17.82 12.50 8.60
CA GLY A 377 -16.54 11.88 8.28
C GLY A 377 -16.60 11.07 7.01
N ILE A 378 -17.68 10.31 6.82
CA ILE A 378 -17.81 9.53 5.60
C ILE A 378 -17.96 10.44 4.40
N ASN A 379 -18.77 11.49 4.52
CA ASN A 379 -18.89 12.45 3.43
C ASN A 379 -17.52 13.03 3.07
N LEU A 380 -16.74 13.40 4.09
CA LEU A 380 -15.45 14.03 3.85
C LEU A 380 -14.46 13.04 3.25
N ARG A 381 -14.51 11.77 3.66
CA ARG A 381 -13.66 10.77 3.03
C ARG A 381 -13.98 10.65 1.55
N GLY A 382 -15.27 10.59 1.21
CA GLY A 382 -15.64 10.56 -0.19
C GLY A 382 -15.12 11.76 -0.96
N ALA A 383 -15.32 12.95 -0.39
CA ALA A 383 -14.89 14.17 -1.08
C ALA A 383 -13.38 14.18 -1.26
N LEU A 384 -12.63 13.78 -0.23
CA LEU A 384 -11.17 13.82 -0.32
C LEU A 384 -10.66 12.79 -1.32
N LEU A 385 -11.25 11.59 -1.35
CA LEU A 385 -10.86 10.61 -2.34
C LEU A 385 -11.11 11.15 -3.75
N ALA A 386 -12.26 11.81 -3.95
CA ALA A 386 -12.52 12.42 -5.25
C ALA A 386 -11.46 13.48 -5.58
N MET A 387 -11.11 14.31 -4.59
CA MET A 387 -10.13 15.36 -4.82
C MET A 387 -8.79 14.77 -5.25
N ILE A 388 -8.28 13.82 -4.48
CA ILE A 388 -6.97 13.28 -4.80
C ILE A 388 -7.02 12.43 -6.07
N TYR A 389 -8.19 11.90 -6.42
CA TYR A 389 -8.29 11.16 -7.68
C TYR A 389 -8.19 12.10 -8.86
N ASN A 390 -8.88 13.23 -8.79
CA ASN A 390 -8.78 14.21 -9.86
C ASN A 390 -7.37 14.74 -9.93
N LYS A 391 -6.72 14.86 -8.77
CA LYS A 391 -5.32 15.26 -8.74
C LYS A 391 -4.45 14.24 -9.46
N ILE A 392 -4.69 12.95 -9.23
CA ILE A 392 -3.98 11.91 -9.97
C ILE A 392 -4.19 12.10 -11.46
N LEU A 393 -5.44 12.32 -11.87
CA LEU A 393 -5.73 12.51 -13.28
C LEU A 393 -5.14 13.80 -13.84
N ARG A 394 -4.65 14.69 -12.98
CA ARG A 394 -4.01 15.92 -13.45
C ARG A 394 -2.50 15.96 -13.25
N LEU A 395 -1.96 15.24 -12.27
CA LEU A 395 -0.53 15.39 -11.96
C LEU A 395 0.34 14.90 -13.12
N SER A 396 1.48 15.55 -13.28
CA SER A 396 2.39 15.21 -14.36
C SER A 396 3.24 14.01 -14.00
N THR A 397 3.49 13.15 -14.99
CA THR A 397 4.29 11.95 -14.75
C THR A 397 5.71 12.27 -14.32
N SER A 398 6.18 13.49 -14.56
CA SER A 398 7.53 13.87 -14.15
C SER A 398 7.66 13.83 -12.63
N ASN A 399 6.55 13.81 -11.90
CA ASN A 399 6.62 13.61 -10.45
C ASN A 399 7.05 12.19 -10.11
N LEU A 400 6.51 11.19 -10.82
CA LEU A 400 6.89 9.82 -10.56
C LEU A 400 8.21 9.45 -11.22
N SER A 401 8.55 10.12 -12.33
CA SER A 401 9.77 9.76 -13.05
C SER A 401 11.04 10.28 -12.36
N MET A 402 10.96 11.43 -11.69
CA MET A 402 12.13 12.04 -11.08
C MET A 402 12.19 11.82 -9.58
N GLY A 403 11.38 10.91 -9.04
CA GLY A 403 11.42 10.60 -7.64
C GLY A 403 10.67 11.55 -6.74
N GLU A 404 9.98 12.54 -7.29
CA GLU A 404 9.18 13.45 -6.45
C GLU A 404 8.18 12.66 -5.62
N MET A 405 7.59 11.61 -6.19
CA MET A 405 6.68 10.75 -5.47
C MET A 405 6.68 9.38 -6.15
N THR A 406 5.79 8.49 -5.69
CA THR A 406 5.75 7.12 -6.18
C THR A 406 4.31 6.65 -6.23
N LEU A 407 4.06 5.63 -7.06
CA LEU A 407 2.75 4.98 -7.02
C LEU A 407 2.43 4.49 -5.62
N GLY A 408 3.44 4.01 -4.90
CA GLY A 408 3.22 3.53 -3.55
C GLY A 408 2.72 4.62 -2.62
N GLN A 409 3.27 5.83 -2.73
CA GLN A 409 2.77 6.93 -1.92
C GLN A 409 1.34 7.29 -2.29
N ILE A 410 1.02 7.27 -3.59
CA ILE A 410 -0.32 7.61 -4.04
C ILE A 410 -1.33 6.60 -3.51
N ASN A 411 -0.93 5.32 -3.43
CA ASN A 411 -1.83 4.33 -2.85
C ASN A 411 -1.88 4.46 -1.32
N ASN A 412 -0.75 4.82 -0.71
CA ASN A 412 -0.72 4.99 0.74
C ASN A 412 -1.66 6.09 1.18
N LEU A 413 -1.67 7.21 0.46
CA LEU A 413 -2.64 8.25 0.74
C LEU A 413 -4.02 7.63 0.86
N VAL A 414 -4.51 7.07 -0.26
CA VAL A 414 -5.88 6.58 -0.34
C VAL A 414 -6.17 5.58 0.77
N ALA A 415 -5.25 4.65 1.00
CA ALA A 415 -5.52 3.57 1.93
C ALA A 415 -5.46 4.04 3.38
N ILE A 416 -4.30 4.54 3.80
CA ILE A 416 -4.06 4.81 5.21
C ILE A 416 -4.45 6.23 5.59
N GLU A 417 -4.00 7.24 4.83
CA GLU A 417 -4.02 8.60 5.37
C GLU A 417 -5.43 9.18 5.37
N THR A 418 -6.18 8.94 4.30
CA THR A 418 -7.56 9.41 4.28
C THR A 418 -8.38 8.76 5.39
N ASN A 419 -8.20 7.45 5.59
CA ASN A 419 -8.91 6.76 6.66
C ASN A 419 -8.51 7.27 8.03
N GLN A 420 -7.24 7.58 8.23
CA GLN A 420 -6.81 8.14 9.50
C GLN A 420 -7.47 9.49 9.74
N LEU A 421 -7.53 10.33 8.71
CA LEU A 421 -8.23 11.60 8.86
C LEU A 421 -9.70 11.37 9.17
N MET A 422 -10.31 10.36 8.54
CA MET A 422 -11.72 10.07 8.82
C MET A 422 -11.94 9.64 10.26
N TRP A 423 -11.07 8.78 10.79
CA TRP A 423 -11.19 8.35 12.18
C TRP A 423 -11.00 9.53 13.14
N PHE A 424 -10.05 10.41 12.80
CA PHE A 424 -9.91 11.61 13.60
C PHE A 424 -11.18 12.44 13.55
N LEU A 425 -11.79 12.57 12.38
CA LEU A 425 -13.04 13.31 12.29
C LEU A 425 -14.15 12.65 13.09
N PHE A 426 -14.11 11.32 13.20
CA PHE A 426 -15.05 10.63 14.08
C PHE A 426 -14.86 11.10 15.51
N LEU A 427 -13.62 11.22 15.96
CA LEU A 427 -13.35 11.64 17.34
C LEU A 427 -13.30 13.17 17.54
N CYS A 428 -13.52 13.95 16.50
CA CYS A 428 -13.25 15.38 16.54
C CYS A 428 -13.90 16.14 17.69
N PRO A 429 -15.19 15.96 17.99
CA PRO A 429 -15.83 16.83 19.00
C PRO A 429 -15.17 16.79 20.37
N ASN A 430 -14.60 15.64 20.74
CA ASN A 430 -14.02 15.51 22.07
C ASN A 430 -12.99 16.59 22.33
N LEU A 431 -12.20 16.94 21.32
CA LEU A 431 -11.05 17.82 21.52
C LEU A 431 -11.45 19.19 22.08
N TRP A 432 -12.72 19.56 22.01
CA TRP A 432 -13.20 20.75 22.71
C TRP A 432 -14.28 20.46 23.75
N ALA A 433 -15.03 19.36 23.62
CA ALA A 433 -16.01 19.06 24.66
C ALA A 433 -15.34 18.69 25.98
N MET A 434 -14.25 17.91 25.93
CA MET A 434 -13.60 17.49 27.17
C MET A 434 -13.09 18.67 27.99
N PRO A 435 -12.41 19.66 27.41
CA PRO A 435 -12.04 20.84 28.20
C PRO A 435 -13.22 21.45 28.95
N VAL A 436 -14.36 21.62 28.27
CA VAL A 436 -15.52 22.25 28.89
C VAL A 436 -15.99 21.42 30.07
N GLN A 437 -16.10 20.11 29.89
CA GLN A 437 -16.59 19.26 30.96
C GLN A 437 -15.64 19.27 32.16
N ILE A 438 -14.34 19.21 31.91
CA ILE A 438 -13.37 19.21 33.01
C ILE A 438 -13.45 20.51 33.79
N ILE A 439 -13.51 21.64 33.08
CA ILE A 439 -13.57 22.93 33.76
C ILE A 439 -14.86 23.04 34.57
N MET A 440 -15.99 22.61 34.00
CA MET A 440 -17.25 22.65 34.73
C MET A 440 -17.18 21.79 35.98
N GLY A 441 -16.61 20.59 35.87
CA GLY A 441 -16.46 19.75 37.04
C GLY A 441 -15.60 20.39 38.11
N VAL A 442 -14.54 21.07 37.69
CA VAL A 442 -13.69 21.77 38.67
C VAL A 442 -14.49 22.86 39.38
N ILE A 443 -15.30 23.61 38.64
CA ILE A 443 -16.09 24.67 39.28
C ILE A 443 -17.06 24.07 40.29
N LEU A 444 -17.77 23.00 39.92
CA LEU A 444 -18.69 22.37 40.85
C LEU A 444 -17.96 21.80 42.06
N LEU A 445 -16.77 21.24 41.84
CA LEU A 445 -15.97 20.74 42.96
C LEU A 445 -15.59 21.87 43.90
N TYR A 446 -15.28 23.05 43.34
CA TYR A 446 -15.06 24.21 44.19
C TYR A 446 -16.30 24.50 45.02
N ASN A 447 -17.46 24.50 44.37
CA ASN A 447 -18.71 24.74 45.10
C ASN A 447 -18.83 23.80 46.29
N LEU A 448 -18.57 22.52 46.08
CA LEU A 448 -18.77 21.53 47.13
C LEU A 448 -17.72 21.64 48.22
N LEU A 449 -16.45 21.77 47.84
CA LEU A 449 -15.33 21.55 48.76
C LEU A 449 -14.61 22.82 49.17
N GLY A 450 -15.13 23.99 48.83
CA GLY A 450 -14.39 25.18 49.22
C GLY A 450 -13.11 25.32 48.41
N SER A 451 -12.16 26.08 48.98
CA SER A 451 -10.90 26.34 48.29
C SER A 451 -10.05 25.10 48.12
N SER A 452 -10.34 24.03 48.87
CA SER A 452 -9.51 22.82 48.78
C SER A 452 -9.56 22.21 47.39
N ALA A 453 -10.66 22.41 46.66
CA ALA A 453 -10.77 21.85 45.32
C ALA A 453 -9.83 22.53 44.33
N LEU A 454 -9.33 23.73 44.64
CA LEU A 454 -8.49 24.42 43.68
C LEU A 454 -7.13 23.76 43.52
N VAL A 455 -6.62 23.11 44.57
CA VAL A 455 -5.37 22.36 44.43
C VAL A 455 -5.54 21.25 43.40
N GLY A 456 -6.62 20.47 43.52
CA GLY A 456 -6.92 19.47 42.53
C GLY A 456 -7.17 20.07 41.16
N ALA A 457 -7.77 21.25 41.11
CA ALA A 457 -7.95 21.93 39.83
C ALA A 457 -6.61 22.20 39.17
N ALA A 458 -5.64 22.68 39.95
CA ALA A 458 -4.30 22.91 39.40
C ALA A 458 -3.67 21.60 38.93
N VAL A 459 -3.78 20.54 39.74
CA VAL A 459 -3.20 19.25 39.34
C VAL A 459 -3.80 18.82 38.00
N ILE A 460 -5.12 18.93 37.87
CA ILE A 460 -5.78 18.53 36.63
C ILE A 460 -5.36 19.43 35.47
N VAL A 461 -5.21 20.73 35.73
CA VAL A 461 -4.85 21.67 34.68
C VAL A 461 -3.49 21.32 34.11
N LEU A 462 -2.58 20.85 34.96
CA LEU A 462 -1.24 20.53 34.47
C LEU A 462 -1.25 19.51 33.33
N LEU A 463 -2.38 18.85 33.06
CA LEU A 463 -2.42 17.90 31.95
C LEU A 463 -2.24 18.59 30.60
N ALA A 464 -2.72 19.82 30.47
CA ALA A 464 -2.63 20.50 29.18
C ALA A 464 -1.19 20.71 28.74
N PRO A 465 -0.29 21.31 29.53
CA PRO A 465 1.12 21.37 29.10
C PRO A 465 1.73 20.00 28.85
N ILE A 466 1.45 19.05 29.74
CA ILE A 466 2.03 17.71 29.61
C ILE A 466 1.58 17.07 28.30
N GLN A 467 0.28 17.15 28.01
CA GLN A 467 -0.25 16.51 26.81
C GLN A 467 0.24 17.21 25.55
N TYR A 468 0.39 18.53 25.60
CA TYR A 468 0.93 19.21 24.42
C TYR A 468 2.36 18.77 24.14
N PHE A 469 3.20 18.69 25.17
CA PHE A 469 4.57 18.23 24.97
C PHE A 469 4.60 16.81 24.43
N ILE A 470 3.79 15.93 25.03
CA ILE A 470 3.74 14.55 24.57
C ILE A 470 3.29 14.48 23.12
N ALA A 471 2.35 15.35 22.73
CA ALA A 471 1.89 15.38 21.35
C ALA A 471 2.99 15.84 20.40
N THR A 472 3.79 16.83 20.82
CA THR A 472 4.92 17.24 20.00
C THR A 472 5.84 16.05 19.72
N LYS A 473 6.23 15.33 20.77
CA LYS A 473 7.13 14.20 20.59
C LYS A 473 6.48 13.10 19.77
N LEU A 474 5.19 12.83 20.00
CA LEU A 474 4.49 11.81 19.23
C LEU A 474 4.45 12.19 17.76
N ALA A 475 4.27 13.48 17.45
CA ALA A 475 4.23 13.90 16.06
C ALA A 475 5.58 13.70 15.38
N GLU A 476 6.66 14.07 16.06
CA GLU A 476 7.99 13.79 15.51
C GLU A 476 8.13 12.29 15.20
N ALA A 477 7.79 11.46 16.19
CA ALA A 477 7.97 10.01 16.03
C ALA A 477 7.10 9.47 14.91
N GLN A 478 5.86 9.96 14.79
CA GLN A 478 4.96 9.47 13.76
C GLN A 478 5.44 9.86 12.37
N LYS A 479 5.96 11.08 12.22
CA LYS A 479 6.49 11.47 10.91
C LYS A 479 7.67 10.58 10.54
N SER A 480 8.56 10.32 11.50
CA SER A 480 9.69 9.42 11.22
C SER A 480 9.22 8.02 10.87
N THR A 481 8.22 7.52 11.60
CA THR A 481 7.68 6.18 11.33
C THR A 481 7.10 6.12 9.93
N LEU A 482 6.34 7.14 9.53
CA LEU A 482 5.75 7.15 8.19
C LEU A 482 6.84 7.16 7.13
N ASP A 483 7.89 7.98 7.33
CA ASP A 483 8.97 8.02 6.35
C ASP A 483 9.62 6.63 6.20
N TYR A 484 10.01 6.03 7.32
CA TYR A 484 10.69 4.74 7.25
C TYR A 484 9.76 3.65 6.72
N SER A 485 8.47 3.72 7.03
CA SER A 485 7.53 2.74 6.50
C SER A 485 7.39 2.88 4.99
N THR A 486 7.34 4.12 4.48
CA THR A 486 7.28 4.31 3.04
C THR A 486 8.52 3.72 2.38
N GLU A 487 9.70 3.98 2.96
CA GLU A 487 10.93 3.43 2.39
C GLU A 487 10.91 1.89 2.42
N ARG A 488 10.50 1.33 3.54
CA ARG A 488 10.48 -0.13 3.68
C ARG A 488 9.52 -0.76 2.68
N LEU A 489 8.34 -0.17 2.51
CA LEU A 489 7.40 -0.73 1.55
C LEU A 489 7.87 -0.54 0.12
N LYS A 490 8.57 0.56 -0.18
CA LYS A 490 9.19 0.68 -1.50
C LYS A 490 10.13 -0.49 -1.76
N LYS A 491 11.02 -0.76 -0.81
CA LYS A 491 11.96 -1.87 -1.00
C LYS A 491 11.23 -3.21 -1.12
N THR A 492 10.23 -3.43 -0.27
CA THR A 492 9.50 -4.70 -0.29
C THR A 492 8.75 -4.89 -1.59
N ASN A 493 8.11 -3.84 -2.10
CA ASN A 493 7.41 -3.94 -3.36
C ASN A 493 8.37 -4.25 -4.50
N GLU A 494 9.54 -3.59 -4.51
CA GLU A 494 10.52 -3.89 -5.54
C GLU A 494 10.97 -5.35 -5.45
N ILE A 495 11.19 -5.85 -4.23
CA ILE A 495 11.58 -7.25 -4.07
C ILE A 495 10.50 -8.17 -4.63
N LEU A 496 9.24 -7.93 -4.25
CA LEU A 496 8.16 -8.81 -4.68
C LEU A 496 8.01 -8.79 -6.19
N LYS A 497 8.21 -7.61 -6.81
CA LYS A 497 8.09 -7.55 -8.27
C LYS A 497 9.25 -8.23 -8.96
N GLY A 498 10.45 -8.11 -8.41
CA GLY A 498 11.64 -8.63 -9.07
C GLY A 498 12.18 -9.95 -8.53
N ILE A 499 11.35 -10.65 -7.76
CA ILE A 499 11.74 -11.94 -7.19
C ILE A 499 12.47 -12.82 -8.22
N LYS A 500 12.01 -12.83 -9.47
CA LYS A 500 12.64 -13.72 -10.45
C LYS A 500 14.13 -13.39 -10.59
N LEU A 501 14.45 -12.12 -10.84
CA LEU A 501 15.84 -11.72 -11.00
C LEU A 501 16.62 -11.90 -9.70
N LEU A 502 16.03 -11.49 -8.57
CA LEU A 502 16.74 -11.61 -7.31
C LEU A 502 17.09 -13.06 -7.01
N LYS A 503 16.17 -13.99 -7.30
CA LYS A 503 16.37 -15.40 -7.03
C LYS A 503 17.38 -16.00 -8.01
N LEU A 504 17.31 -15.59 -9.28
CA LEU A 504 18.26 -16.11 -10.26
C LEU A 504 19.69 -15.66 -9.95
N TYR A 505 19.86 -14.44 -9.43
CA TYR A 505 21.18 -13.93 -9.12
C TYR A 505 21.63 -14.25 -7.69
N ALA A 506 20.80 -14.90 -6.90
CA ALA A 506 21.14 -15.28 -5.53
C ALA A 506 21.35 -14.05 -4.64
N TRP A 507 20.66 -12.96 -4.95
CA TRP A 507 20.74 -11.72 -4.17
C TRP A 507 19.61 -11.57 -3.17
N GLU A 508 18.74 -12.58 -3.05
CA GLU A 508 17.59 -12.47 -2.15
C GLU A 508 17.98 -11.92 -0.79
N HIS A 509 19.02 -12.50 -0.19
CA HIS A 509 19.31 -12.22 1.21
C HIS A 509 19.90 -10.83 1.40
N ILE A 510 20.63 -10.30 0.43
CA ILE A 510 21.12 -8.93 0.52
C ILE A 510 19.95 -7.95 0.63
N PHE A 511 18.98 -8.08 -0.28
CA PHE A 511 17.82 -7.20 -0.25
C PHE A 511 16.99 -7.42 0.99
N CYS A 512 16.85 -8.68 1.43
CA CYS A 512 16.12 -8.95 2.67
C CYS A 512 16.80 -8.24 3.85
N LYS A 513 18.13 -8.27 3.89
CA LYS A 513 18.86 -7.58 4.95
C LYS A 513 18.62 -6.07 4.89
N SER A 514 18.61 -5.49 3.69
CA SER A 514 18.35 -4.07 3.57
C SER A 514 16.96 -3.72 4.10
N VAL A 515 15.96 -4.51 3.70
CA VAL A 515 14.60 -4.27 4.19
C VAL A 515 14.56 -4.41 5.70
N GLU A 516 15.30 -5.38 6.25
CA GLU A 516 15.33 -5.55 7.70
C GLU A 516 15.97 -4.35 8.39
N GLU A 517 16.99 -3.75 7.78
CA GLU A 517 17.58 -2.55 8.36
C GLU A 517 16.56 -1.42 8.42
N THR A 518 15.87 -1.19 7.30
CA THR A 518 14.83 -0.15 7.31
C THR A 518 13.73 -0.48 8.32
N ARG A 519 13.41 -1.76 8.48
CA ARG A 519 12.42 -2.18 9.47
C ARG A 519 12.91 -1.90 10.88
N MET A 520 14.21 -2.09 11.15
CA MET A 520 14.74 -1.76 12.45
C MET A 520 14.59 -0.27 12.74
N LYS A 521 14.88 0.58 11.74
CA LYS A 521 14.70 2.01 11.95
C LYS A 521 13.23 2.34 12.21
N GLU A 522 12.33 1.76 11.41
CA GLU A 522 10.90 2.00 11.62
C GLU A 522 10.47 1.56 13.00
N LEU A 523 11.00 0.42 13.48
CA LEU A 523 10.64 -0.06 14.80
C LEU A 523 11.20 0.83 15.90
N SER A 524 12.36 1.45 15.68
CA SER A 524 12.85 2.43 16.64
C SER A 524 11.90 3.62 16.73
N SER A 525 11.44 4.12 15.57
CA SER A 525 10.46 5.20 15.59
C SER A 525 9.18 4.76 16.30
N LEU A 526 8.73 3.52 16.01
CA LEU A 526 7.54 3.00 16.66
C LEU A 526 7.73 2.89 18.16
N LYS A 527 8.95 2.54 18.60
CA LYS A 527 9.20 2.42 20.03
C LYS A 527 9.15 3.77 20.70
N THR A 528 9.70 4.81 20.06
CA THR A 528 9.55 6.15 20.63
C THR A 528 8.08 6.54 20.74
N PHE A 529 7.31 6.27 19.67
CA PHE A 529 5.88 6.58 19.70
C PHE A 529 5.17 5.83 20.82
N ALA A 530 5.50 4.55 20.98
CA ALA A 530 4.87 3.74 22.02
C ALA A 530 5.25 4.24 23.41
N LEU A 531 6.52 4.62 23.60
CA LEU A 531 6.93 5.14 24.89
C LEU A 531 6.12 6.38 25.25
N TYR A 532 5.99 7.31 24.31
CA TYR A 532 5.25 8.54 24.64
C TYR A 532 3.75 8.31 24.73
N THR A 533 3.19 7.35 24.00
CA THR A 533 1.79 6.99 24.19
C THR A 533 1.56 6.40 25.58
N SER A 534 2.46 5.52 26.01
CA SER A 534 2.37 4.97 27.36
C SER A 534 2.49 6.06 28.40
N LEU A 535 3.37 7.03 28.18
CA LEU A 535 3.49 8.15 29.10
C LEU A 535 2.20 8.94 29.15
N SER A 536 1.56 9.17 28.00
CA SER A 536 0.31 9.91 27.98
C SER A 536 -0.77 9.17 28.77
N ILE A 537 -0.86 7.86 28.60
CA ILE A 537 -1.84 7.06 29.35
C ILE A 537 -1.54 7.16 30.84
N PHE A 538 -0.27 7.03 31.21
CA PHE A 538 0.09 7.08 32.62
C PHE A 538 -0.27 8.43 33.23
N MET A 539 0.02 9.52 32.53
CA MET A 539 -0.31 10.84 33.05
C MET A 539 -1.83 11.01 33.18
N ASN A 540 -2.57 10.59 32.15
CA ASN A 540 -4.02 10.71 32.20
C ASN A 540 -4.58 9.98 33.41
N ALA A 541 -4.07 8.78 33.69
CA ALA A 541 -4.60 8.01 34.82
C ALA A 541 -4.11 8.53 36.17
N ALA A 542 -2.86 8.99 36.24
CA ALA A 542 -2.25 9.34 37.52
C ALA A 542 -2.68 10.71 38.00
N ILE A 543 -2.69 11.72 37.12
CA ILE A 543 -3.01 13.08 37.54
C ILE A 543 -4.35 13.12 38.29
N PRO A 544 -5.40 12.41 37.88
CA PRO A 544 -6.61 12.35 38.71
C PRO A 544 -6.36 11.79 40.11
N ILE A 545 -5.56 10.73 40.24
CA ILE A 545 -5.28 10.17 41.57
C ILE A 545 -4.57 11.21 42.43
N ALA A 546 -3.57 11.88 41.86
CA ALA A 546 -2.85 12.92 42.59
C ALA A 546 -3.79 14.08 42.95
N ALA A 547 -4.69 14.44 42.03
CA ALA A 547 -5.63 15.52 42.31
C ALA A 547 -6.54 15.17 43.49
N VAL A 548 -7.05 13.94 43.52
CA VAL A 548 -7.88 13.51 44.64
C VAL A 548 -7.07 13.55 45.92
N LEU A 549 -5.84 13.02 45.89
CA LEU A 549 -5.00 13.03 47.09
C LEU A 549 -4.82 14.44 47.61
N ALA A 550 -4.38 15.36 46.74
CA ALA A 550 -4.12 16.73 47.17
C ALA A 550 -5.39 17.39 47.69
N THR A 551 -6.49 17.28 46.94
CA THR A 551 -7.71 17.96 47.32
C THR A 551 -8.22 17.49 48.68
N PHE A 552 -8.29 16.18 48.88
CA PHE A 552 -8.86 15.67 50.12
C PHE A 552 -7.91 15.83 51.30
N VAL A 553 -6.60 15.74 51.10
CA VAL A 553 -5.67 16.05 52.18
C VAL A 553 -5.80 17.50 52.61
N THR A 554 -5.85 18.41 51.61
CA THR A 554 -5.98 19.83 51.93
C THR A 554 -7.31 20.11 52.63
N HIS A 555 -8.37 19.45 52.20
CA HIS A 555 -9.67 19.65 52.87
C HIS A 555 -9.63 19.13 54.29
N ALA A 556 -8.98 17.99 54.51
CA ALA A 556 -8.87 17.45 55.86
C ALA A 556 -8.13 18.43 56.77
N TYR A 557 -7.06 19.04 56.26
CA TYR A 557 -6.24 19.91 57.10
C TYR A 557 -6.69 21.36 57.12
N ALA A 558 -7.65 21.74 56.27
CA ALA A 558 -8.08 23.13 56.17
C ALA A 558 -9.46 23.37 56.77
N SER A 559 -10.47 22.65 56.31
CA SER A 559 -11.83 22.80 56.80
C SER A 559 -11.98 21.94 58.05
N GLY A 560 -12.14 22.59 59.20
CA GLY A 560 -12.31 21.84 60.43
C GLY A 560 -13.51 20.92 60.40
N ASN A 561 -14.57 21.33 59.69
CA ASN A 561 -15.72 20.46 59.52
C ASN A 561 -15.40 19.32 58.56
N ASN A 562 -15.63 18.10 59.00
CA ASN A 562 -15.38 16.94 58.15
C ASN A 562 -16.40 16.88 57.02
N LEU A 563 -16.06 16.14 55.98
CA LEU A 563 -17.00 15.91 54.89
C LEU A 563 -18.13 15.01 55.37
N LYS A 564 -19.36 15.52 55.34
CA LYS A 564 -20.51 14.66 55.56
C LYS A 564 -20.68 13.76 54.34
N PRO A 565 -21.38 12.63 54.50
CA PRO A 565 -21.46 11.68 53.39
C PRO A 565 -21.99 12.29 52.10
N ALA A 566 -22.96 13.19 52.19
CA ALA A 566 -23.53 13.79 50.98
C ALA A 566 -22.47 14.55 50.19
N GLU A 567 -21.78 15.48 50.86
CA GLU A 567 -20.73 16.24 50.20
C GLU A 567 -19.64 15.32 49.68
N ALA A 568 -19.24 14.33 50.48
CA ALA A 568 -18.16 13.43 50.10
C ALA A 568 -18.48 12.70 48.81
N PHE A 569 -19.65 12.05 48.77
CA PHE A 569 -19.99 11.25 47.60
C PHE A 569 -20.28 12.13 46.39
N ALA A 570 -20.84 13.32 46.59
CA ALA A 570 -20.97 14.25 45.47
C ALA A 570 -19.60 14.60 44.89
N SER A 571 -18.63 14.88 45.77
CA SER A 571 -17.29 15.21 45.29
C SER A 571 -16.65 14.05 44.55
N LEU A 572 -16.75 12.84 45.10
CA LEU A 572 -16.17 11.68 44.44
C LEU A 572 -16.85 11.41 43.10
N SER A 573 -18.16 11.62 43.03
CA SER A 573 -18.86 11.51 41.76
C SER A 573 -18.35 12.53 40.76
N LEU A 574 -18.14 13.78 41.19
CA LEU A 574 -17.61 14.78 40.28
C LEU A 574 -16.22 14.40 39.79
N PHE A 575 -15.41 13.79 40.67
CA PHE A 575 -14.09 13.33 40.24
C PHE A 575 -14.23 12.24 39.18
N HIS A 576 -15.19 11.34 39.35
CA HIS A 576 -15.45 10.35 38.30
C HIS A 576 -15.85 11.03 36.99
N ILE A 577 -16.69 12.06 37.08
CA ILE A 577 -17.12 12.79 35.89
C ILE A 577 -15.91 13.41 35.20
N LEU A 578 -14.95 13.91 36.00
CA LEU A 578 -13.72 14.43 35.42
C LEU A 578 -12.92 13.32 34.75
N VAL A 579 -12.83 12.15 35.38
CA VAL A 579 -11.97 11.09 34.87
C VAL A 579 -12.52 10.52 33.57
N THR A 580 -13.84 10.43 33.43
CA THR A 580 -14.39 9.79 32.25
C THR A 580 -13.87 10.39 30.95
N PRO A 581 -13.87 11.70 30.75
CA PRO A 581 -13.24 12.23 29.51
C PRO A 581 -11.77 11.87 29.37
N LEU A 582 -11.02 11.85 30.47
CA LEU A 582 -9.59 11.59 30.39
C LEU A 582 -9.28 10.19 29.84
N PHE A 583 -10.25 9.28 29.89
CA PHE A 583 -10.02 7.94 29.34
C PHE A 583 -9.73 8.00 27.85
N LEU A 584 -10.37 8.92 27.13
CA LEU A 584 -10.18 9.03 25.69
C LEU A 584 -9.03 9.92 25.28
N LEU A 585 -8.65 10.88 26.12
CA LEU A 585 -7.70 11.91 25.74
C LEU A 585 -6.47 11.35 25.03
N SER A 586 -5.93 10.24 25.53
CA SER A 586 -4.79 9.62 24.86
C SER A 586 -5.14 9.20 23.45
N THR A 587 -6.31 8.59 23.26
CA THR A 587 -6.71 8.18 21.92
C THR A 587 -6.84 9.38 20.99
N VAL A 588 -7.46 10.46 21.47
CA VAL A 588 -7.69 11.59 20.58
C VAL A 588 -6.36 12.28 20.23
N VAL A 589 -5.43 12.36 21.18
CA VAL A 589 -4.13 12.94 20.84
C VAL A 589 -3.42 12.06 19.81
N ARG A 590 -3.44 10.74 20.01
CA ARG A 590 -2.84 9.83 19.04
C ARG A 590 -3.42 10.10 17.64
N PHE A 591 -4.75 10.09 17.53
CA PHE A 591 -5.37 10.22 16.22
C PHE A 591 -5.19 11.62 15.64
N ALA A 592 -5.18 12.65 16.49
CA ALA A 592 -4.98 14.01 15.99
C ALA A 592 -3.57 14.18 15.42
N VAL A 593 -2.57 13.63 16.10
CA VAL A 593 -1.19 13.73 15.61
C VAL A 593 -1.06 12.98 14.29
N LYS A 594 -1.59 11.76 14.25
CA LYS A 594 -1.50 10.99 13.02
C LYS A 594 -2.23 11.70 11.89
N ALA A 595 -3.39 12.29 12.19
CA ALA A 595 -4.16 12.99 11.17
C ALA A 595 -3.47 14.27 10.71
N ILE A 596 -2.75 14.94 11.62
CA ILE A 596 -1.98 16.10 11.22
C ILE A 596 -0.92 15.71 10.21
N ILE A 597 -0.20 14.62 10.49
CA ILE A 597 0.80 14.16 9.53
C ILE A 597 0.13 13.77 8.21
N SER A 598 -1.01 13.07 8.29
CA SER A 598 -1.70 12.62 7.08
C SER A 598 -2.13 13.81 6.23
N VAL A 599 -2.69 14.84 6.85
CA VAL A 599 -3.15 15.99 6.09
C VAL A 599 -1.97 16.77 5.54
N GLN A 600 -0.83 16.79 6.25
CA GLN A 600 0.36 17.38 5.67
C GLN A 600 0.74 16.66 4.38
N LYS A 601 0.72 15.33 4.40
CA LYS A 601 1.02 14.58 3.20
C LYS A 601 0.01 14.88 2.09
N LEU A 602 -1.27 14.90 2.44
CA LEU A 602 -2.31 15.12 1.43
C LEU A 602 -2.20 16.51 0.82
N ASN A 603 -1.88 17.52 1.64
CA ASN A 603 -1.74 18.88 1.13
C ASN A 603 -0.47 19.03 0.31
N GLU A 604 0.59 18.29 0.65
CA GLU A 604 1.76 18.25 -0.22
C GLU A 604 1.40 17.63 -1.57
N PHE A 605 0.59 16.57 -1.56
CA PHE A 605 0.20 15.93 -2.80
C PHE A 605 -0.66 16.85 -3.66
N LEU A 606 -1.65 17.50 -3.06
CA LEU A 606 -2.58 18.33 -3.82
C LEU A 606 -1.94 19.63 -4.30
N LEU A 607 -0.72 19.92 -3.88
CA LEU A 607 0.06 21.05 -4.39
C LEU A 607 1.32 20.45 -5.01
N SER A 608 1.23 20.06 -6.28
CA SER A 608 2.34 19.43 -6.98
C SER A 608 2.34 19.93 -8.42
N ASP A 609 3.17 19.31 -9.25
CA ASP A 609 3.26 19.69 -10.66
C ASP A 609 2.11 19.08 -11.44
N GLU A 610 1.53 19.87 -12.34
CA GLU A 610 0.43 19.43 -13.17
C GLU A 610 0.75 19.72 -14.64
N ILE A 611 0.01 19.06 -15.53
CA ILE A 611 0.22 19.28 -16.96
C ILE A 611 -0.07 20.73 -17.28
N GLY A 612 0.71 21.28 -18.21
CA GLY A 612 0.55 22.66 -18.62
C GLY A 612 -0.86 23.01 -19.07
N ASP A 665 -2.43 17.21 -46.53
CA ASP A 665 -2.76 17.69 -45.19
C ASP A 665 -1.85 17.07 -44.14
N VAL A 666 -1.78 17.71 -42.98
CA VAL A 666 -0.95 17.24 -41.87
C VAL A 666 -1.85 17.09 -40.65
N ALA A 667 -1.84 15.90 -40.06
CA ALA A 667 -2.63 15.68 -38.84
C ALA A 667 -2.02 16.42 -37.66
N ILE A 668 -0.70 16.33 -37.49
CA ILE A 668 0.00 16.94 -36.37
C ILE A 668 1.32 17.51 -36.88
N LYS A 669 1.52 18.81 -36.68
CA LYS A 669 2.77 19.47 -37.06
C LYS A 669 3.40 20.11 -35.84
N VAL A 670 4.70 19.89 -35.66
CA VAL A 670 5.49 20.50 -34.59
C VAL A 670 6.50 21.44 -35.23
N THR A 671 6.65 22.62 -34.65
CA THR A 671 7.52 23.66 -35.20
C THR A 671 8.42 24.22 -34.11
N ASN A 672 9.73 24.11 -34.31
CA ASN A 672 10.73 24.65 -33.40
C ASN A 672 10.44 24.25 -31.95
N GLY A 673 10.18 22.96 -31.76
CA GLY A 673 9.78 22.46 -30.46
C GLY A 673 10.92 22.03 -29.57
N TYR A 674 11.06 22.70 -28.44
CA TYR A 674 12.00 22.30 -27.39
C TYR A 674 11.18 21.77 -26.22
N PHE A 675 11.42 20.50 -25.86
CA PHE A 675 10.66 19.84 -24.81
C PHE A 675 11.63 19.28 -23.78
N SER A 676 11.18 19.23 -22.52
CA SER A 676 12.00 18.77 -21.42
C SER A 676 11.13 17.92 -20.49
N TRP A 677 11.78 16.97 -19.81
CA TRP A 677 11.08 16.04 -18.92
C TRP A 677 10.98 16.56 -17.49
N GLY A 678 10.98 17.87 -17.29
CA GLY A 678 10.79 18.48 -16.00
C GLY A 678 12.06 18.98 -15.34
N SER A 679 13.22 18.49 -15.77
CA SER A 679 14.47 18.96 -15.19
C SER A 679 14.73 20.41 -15.52
N GLY A 680 14.18 20.90 -16.62
CA GLY A 680 14.53 22.19 -17.15
C GLY A 680 15.58 22.17 -18.23
N LEU A 681 16.09 20.98 -18.58
CA LEU A 681 17.05 20.80 -19.66
C LEU A 681 16.39 20.05 -20.79
N ALA A 682 16.60 20.53 -22.01
CA ALA A 682 15.88 19.99 -23.16
C ALA A 682 16.35 18.58 -23.48
N THR A 683 15.40 17.65 -23.53
CA THR A 683 15.67 16.30 -24.05
C THR A 683 15.46 16.24 -25.56
N LEU A 684 14.56 17.06 -26.09
CA LEU A 684 14.36 17.22 -27.53
C LEU A 684 14.70 18.67 -27.89
N SER A 685 15.07 18.88 -29.15
CA SER A 685 15.46 20.21 -29.60
C SER A 685 15.29 20.31 -31.11
N ASN A 686 14.81 21.48 -31.55
CA ASN A 686 14.61 21.75 -32.98
C ASN A 686 13.73 20.69 -33.62
N ILE A 687 12.67 20.30 -32.92
CA ILE A 687 11.73 19.29 -33.43
C ILE A 687 10.85 19.97 -34.47
N ASP A 688 11.15 19.73 -35.75
CA ASP A 688 10.35 20.24 -36.86
C ASP A 688 9.89 19.03 -37.66
N ILE A 689 8.64 18.60 -37.44
CA ILE A 689 8.10 17.40 -38.05
C ILE A 689 6.68 17.66 -38.55
N ARG A 690 6.17 16.72 -39.34
CA ARG A 690 4.78 16.71 -39.76
C ARG A 690 4.36 15.25 -39.93
N ILE A 691 3.15 14.92 -39.48
CA ILE A 691 2.61 13.57 -39.58
C ILE A 691 1.50 13.60 -40.62
N PRO A 692 1.74 13.15 -41.85
CA PRO A 692 0.70 13.24 -42.88
C PRO A 692 -0.55 12.48 -42.48
N THR A 693 -1.70 13.08 -42.77
CA THR A 693 -2.98 12.50 -42.36
C THR A 693 -3.29 11.26 -43.18
N GLY A 694 -3.84 10.25 -42.52
CA GLY A 694 -4.20 9.02 -43.21
C GLY A 694 -3.03 8.32 -43.87
N GLN A 695 -1.88 8.30 -43.21
CA GLN A 695 -0.71 7.62 -43.73
C GLN A 695 0.14 7.14 -42.57
N LEU A 696 0.90 6.07 -42.81
CA LEU A 696 1.72 5.46 -41.79
C LEU A 696 3.05 6.20 -41.68
N THR A 697 3.34 6.72 -40.48
CA THR A 697 4.63 7.33 -40.17
C THR A 697 5.42 6.37 -39.29
N MET A 698 6.70 6.23 -39.58
CA MET A 698 7.58 5.32 -38.83
C MET A 698 8.76 6.12 -38.30
N ILE A 699 8.98 6.07 -37.00
CA ILE A 699 10.07 6.77 -36.33
C ILE A 699 11.17 5.76 -36.03
N VAL A 700 12.39 6.06 -36.49
CA VAL A 700 13.51 5.13 -36.39
C VAL A 700 14.69 5.85 -35.75
N GLY A 701 15.33 5.19 -34.79
CA GLY A 701 16.51 5.75 -34.14
C GLY A 701 17.09 4.73 -33.17
N GLN A 702 18.30 5.01 -32.72
CA GLN A 702 18.96 4.15 -31.75
C GLN A 702 18.46 4.45 -30.34
N VAL A 703 18.86 3.60 -29.39
CA VAL A 703 18.33 3.69 -28.04
C VAL A 703 18.52 5.08 -27.47
N GLY A 704 17.49 5.58 -26.80
CA GLY A 704 17.57 6.86 -26.14
C GLY A 704 17.74 8.04 -27.08
N CYS A 705 16.94 8.09 -28.14
CA CYS A 705 17.05 9.15 -29.14
C CYS A 705 15.79 10.01 -29.23
N GLY A 706 14.90 9.90 -28.23
CA GLY A 706 13.77 10.79 -28.17
C GLY A 706 12.55 10.40 -28.97
N LYS A 707 12.35 9.11 -29.22
CA LYS A 707 11.19 8.66 -29.98
C LYS A 707 9.93 8.61 -29.10
N SER A 708 9.95 7.78 -28.06
CA SER A 708 8.87 7.82 -27.08
C SER A 708 8.71 9.22 -26.52
N SER A 709 9.84 9.93 -26.33
CA SER A 709 9.77 11.31 -25.87
C SER A 709 9.04 12.18 -26.88
N LEU A 710 9.30 11.99 -28.18
CA LEU A 710 8.59 12.77 -29.20
C LEU A 710 7.10 12.49 -29.15
N LEU A 711 6.73 11.21 -29.09
CA LEU A 711 5.31 10.86 -29.04
C LEU A 711 4.63 11.50 -27.85
N LEU A 712 5.22 11.34 -26.65
CA LEU A 712 4.61 11.91 -25.45
C LEU A 712 4.61 13.43 -25.50
N ALA A 713 5.59 14.03 -26.16
CA ALA A 713 5.60 15.48 -26.33
C ALA A 713 4.42 15.94 -27.17
N ILE A 714 4.12 15.21 -28.25
CA ILE A 714 2.95 15.55 -29.05
C ILE A 714 1.68 15.43 -28.20
N LEU A 715 1.59 14.38 -27.39
CA LEU A 715 0.49 14.26 -26.44
C LEU A 715 0.54 15.31 -25.34
N GLY A 716 1.65 16.06 -25.22
CA GLY A 716 1.73 17.12 -24.25
C GLY A 716 1.96 16.67 -22.84
N GLU A 717 2.63 15.53 -22.65
CA GLU A 717 2.84 14.97 -21.32
C GLU A 717 4.07 15.54 -20.63
N MET A 718 4.91 16.31 -21.32
CA MET A 718 6.08 16.93 -20.73
C MET A 718 6.11 18.41 -21.09
N GLN A 719 6.53 19.23 -20.13
CA GLN A 719 6.41 20.68 -20.28
C GLN A 719 7.22 21.17 -21.47
N THR A 720 6.64 22.13 -22.19
CA THR A 720 7.25 22.67 -23.40
C THR A 720 8.04 23.92 -23.06
N LEU A 721 9.30 23.96 -23.49
CA LEU A 721 10.14 25.13 -23.28
C LEU A 721 10.04 26.14 -24.43
N GLU A 722 9.65 25.68 -25.61
CA GLU A 722 9.58 26.55 -26.78
C GLU A 722 8.94 25.77 -27.92
N GLY A 723 8.36 26.49 -28.87
CA GLY A 723 7.72 25.87 -30.02
C GLY A 723 6.24 25.63 -29.81
N LYS A 724 5.62 25.08 -30.84
CA LYS A 724 4.19 24.82 -30.84
C LYS A 724 3.89 23.46 -31.45
N VAL A 725 2.74 22.90 -31.09
CA VAL A 725 2.20 21.70 -31.72
C VAL A 725 0.78 22.02 -32.21
N TYR A 726 0.51 21.70 -33.46
CA TYR A 726 -0.79 21.96 -34.08
C TYR A 726 -1.51 20.65 -34.35
N TRP A 727 -2.82 20.64 -34.12
CA TRP A 727 -3.62 19.42 -34.23
C TRP A 727 -4.66 19.53 -35.33
N ASN A 728 -4.26 20.03 -36.50
CA ASN A 728 -5.16 20.17 -37.63
C ASN A 728 -5.96 18.89 -37.88
N SER A 744 -6.36 22.24 -27.25
CA SER A 744 -7.28 21.11 -27.38
C SER A 744 -6.66 19.99 -28.22
N ARG A 745 -6.93 18.75 -27.84
CA ARG A 745 -6.34 17.58 -28.47
C ARG A 745 -7.44 16.57 -28.79
N TYR A 746 -7.26 15.87 -29.91
CA TYR A 746 -8.16 14.79 -30.28
C TYR A 746 -7.78 13.50 -29.56
N SER A 747 -8.75 12.60 -29.44
CA SER A 747 -8.48 11.29 -28.85
C SER A 747 -7.52 10.51 -29.75
N VAL A 748 -6.37 10.13 -29.20
CA VAL A 748 -5.36 9.37 -29.92
C VAL A 748 -5.19 8.02 -29.23
N ALA A 749 -5.08 6.96 -30.03
CA ALA A 749 -4.96 5.60 -29.53
C ALA A 749 -3.48 5.32 -29.26
N TYR A 750 -3.11 5.20 -27.99
CA TYR A 750 -1.73 5.04 -27.56
C TYR A 750 -1.52 3.61 -27.08
N ALA A 751 -0.56 2.92 -27.70
CA ALA A 751 -0.10 1.60 -27.26
C ALA A 751 1.31 1.81 -26.71
N ALA A 752 1.40 2.02 -25.39
CA ALA A 752 2.66 2.39 -24.77
C ALA A 752 3.67 1.25 -24.88
N GLN A 753 4.95 1.62 -24.83
CA GLN A 753 6.01 0.62 -24.93
C GLN A 753 5.90 -0.40 -23.80
N LYS A 754 5.66 0.07 -22.57
CA LYS A 754 5.39 -0.83 -21.46
C LYS A 754 3.89 -1.06 -21.38
N PRO A 755 3.39 -2.22 -21.83
CA PRO A 755 1.93 -2.39 -21.93
C PRO A 755 1.27 -2.27 -20.56
N TRP A 756 0.06 -1.70 -20.57
CA TRP A 756 -0.73 -1.48 -19.35
C TRP A 756 -2.09 -2.13 -19.52
N LEU A 757 -2.43 -3.03 -18.60
CA LEU A 757 -3.69 -3.76 -18.64
C LEU A 757 -4.46 -3.50 -17.36
N LEU A 758 -5.79 -3.36 -17.50
CA LEU A 758 -6.64 -3.17 -16.34
C LEU A 758 -6.94 -4.53 -15.70
N ASN A 759 -7.66 -4.49 -14.57
CA ASN A 759 -8.02 -5.70 -13.84
C ASN A 759 -9.34 -6.29 -14.31
N ALA A 760 -9.82 -5.90 -15.49
CA ALA A 760 -11.04 -6.46 -16.06
C ALA A 760 -10.68 -7.65 -16.94
N THR A 761 -11.63 -8.13 -17.74
CA THR A 761 -11.41 -9.31 -18.56
C THR A 761 -10.71 -8.91 -19.86
N VAL A 762 -10.37 -9.93 -20.67
CA VAL A 762 -9.74 -9.68 -21.96
C VAL A 762 -10.63 -8.80 -22.83
N GLU A 763 -11.92 -9.13 -22.87
CA GLU A 763 -12.87 -8.35 -23.67
C GLU A 763 -12.94 -6.91 -23.18
N GLU A 764 -12.88 -6.71 -21.86
CA GLU A 764 -12.96 -5.36 -21.32
C GLU A 764 -11.70 -4.56 -21.61
N ASN A 765 -10.54 -5.22 -21.66
CA ASN A 765 -9.32 -4.51 -22.04
C ASN A 765 -9.32 -4.16 -23.51
N ILE A 766 -9.75 -5.10 -24.37
CA ILE A 766 -9.72 -4.83 -25.81
C ILE A 766 -10.75 -3.77 -26.19
N THR A 767 -11.97 -3.88 -25.65
CA THR A 767 -13.01 -2.91 -26.00
C THR A 767 -12.73 -1.56 -25.34
N PHE A 768 -12.36 -1.56 -24.07
CA PHE A 768 -11.93 -0.34 -23.36
C PHE A 768 -12.97 0.77 -23.51
N GLY A 769 -14.15 0.51 -22.97
CA GLY A 769 -15.21 1.50 -22.96
C GLY A 769 -15.79 1.85 -24.32
N SER A 770 -16.00 0.85 -25.18
CA SER A 770 -16.63 1.04 -26.47
C SER A 770 -17.68 -0.04 -26.68
N SER A 771 -18.70 0.30 -27.47
CA SER A 771 -19.78 -0.63 -27.74
C SER A 771 -19.25 -1.87 -28.44
N PHE A 772 -19.54 -3.04 -27.87
CA PHE A 772 -19.06 -4.29 -28.44
C PHE A 772 -19.65 -4.50 -29.83
N ASN A 773 -18.79 -4.91 -30.77
CA ASN A 773 -19.21 -5.25 -32.12
C ASN A 773 -18.47 -6.52 -32.51
N ARG A 774 -19.20 -7.61 -32.69
CA ARG A 774 -18.53 -8.90 -32.87
C ARG A 774 -17.67 -8.92 -34.12
N GLN A 775 -18.13 -8.26 -35.20
CA GLN A 775 -17.33 -8.25 -36.43
C GLN A 775 -15.99 -7.55 -36.19
N ARG A 776 -16.02 -6.33 -35.65
CA ARG A 776 -14.78 -5.60 -35.42
C ARG A 776 -13.93 -6.28 -34.37
N TYR A 777 -14.54 -6.75 -33.29
CA TYR A 777 -13.79 -7.43 -32.24
C TYR A 777 -13.06 -8.65 -32.79
N LYS A 778 -13.77 -9.47 -33.58
CA LYS A 778 -13.16 -10.66 -34.16
C LYS A 778 -12.06 -10.29 -35.14
N ALA A 779 -12.28 -9.27 -35.97
CA ALA A 779 -11.24 -8.86 -36.91
C ALA A 779 -9.98 -8.43 -36.17
N VAL A 780 -10.13 -7.59 -35.14
CA VAL A 780 -8.96 -7.11 -34.40
C VAL A 780 -8.26 -8.26 -33.70
N THR A 781 -9.05 -9.16 -33.07
CA THR A 781 -8.44 -10.30 -32.40
C THR A 781 -7.69 -11.19 -33.37
N ASP A 782 -8.24 -11.40 -34.57
CA ASP A 782 -7.57 -12.21 -35.57
C ASP A 782 -6.27 -11.55 -36.04
N ALA A 783 -6.28 -10.22 -36.18
CA ALA A 783 -5.07 -9.51 -36.60
C ALA A 783 -3.96 -9.71 -35.58
N CYS A 784 -4.27 -9.56 -34.30
CA CYS A 784 -3.28 -9.68 -33.24
C CYS A 784 -3.06 -11.13 -32.82
N SER A 785 -3.65 -12.09 -33.51
CA SER A 785 -3.41 -13.51 -33.25
C SER A 785 -3.70 -13.88 -31.80
N LEU A 786 -4.64 -13.18 -31.17
CA LEU A 786 -4.98 -13.46 -29.79
C LEU A 786 -5.89 -14.67 -29.64
N GLN A 787 -6.57 -15.09 -30.70
CA GLN A 787 -7.52 -16.19 -30.58
C GLN A 787 -6.87 -17.48 -30.08
N PRO A 788 -5.73 -17.93 -30.62
CA PRO A 788 -5.10 -19.14 -30.06
C PRO A 788 -4.73 -18.99 -28.59
N ASP A 789 -4.33 -17.80 -28.16
CA ASP A 789 -3.88 -17.61 -26.78
C ASP A 789 -5.05 -17.57 -25.80
N ILE A 790 -6.16 -16.95 -26.18
CA ILE A 790 -7.26 -16.77 -25.24
C ILE A 790 -8.03 -18.06 -25.04
N ASP A 791 -8.18 -18.88 -26.07
CA ASP A 791 -8.88 -20.15 -25.90
C ASP A 791 -8.12 -21.12 -25.01
N LEU A 792 -6.85 -20.88 -24.76
CA LEU A 792 -6.07 -21.68 -23.83
C LEU A 792 -6.19 -21.19 -22.39
N LEU A 793 -6.82 -20.03 -22.18
CA LEU A 793 -7.04 -19.50 -20.85
C LEU A 793 -8.24 -20.15 -20.20
N PRO A 794 -8.39 -20.04 -18.87
CA PRO A 794 -9.46 -20.77 -18.19
C PRO A 794 -10.85 -20.54 -18.80
N PHE A 795 -11.26 -19.28 -18.96
CA PHE A 795 -12.55 -18.92 -19.56
C PHE A 795 -12.26 -17.94 -20.69
N GLY A 796 -11.92 -18.48 -21.86
CA GLY A 796 -11.43 -17.67 -22.96
C GLY A 796 -12.29 -16.46 -23.26
N ASP A 797 -11.65 -15.29 -23.35
CA ASP A 797 -12.25 -14.01 -23.69
C ASP A 797 -12.99 -13.39 -22.52
N GLN A 798 -13.07 -14.07 -21.36
CA GLN A 798 -13.76 -13.52 -20.21
C GLN A 798 -12.99 -13.83 -18.93
N THR A 799 -11.67 -13.82 -19.01
CA THR A 799 -10.81 -14.11 -17.86
C THR A 799 -10.27 -12.82 -17.27
N GLU A 800 -10.27 -12.72 -15.94
CA GLU A 800 -9.68 -11.56 -15.27
C GLU A 800 -8.21 -11.47 -15.61
N ILE A 801 -7.80 -10.37 -16.25
CA ILE A 801 -6.44 -10.16 -16.67
C ILE A 801 -5.78 -9.14 -15.75
N GLY A 802 -4.46 -9.14 -15.76
CA GLY A 802 -3.70 -8.16 -15.00
C GLY A 802 -3.55 -8.55 -13.54
N GLU A 803 -3.04 -7.61 -12.76
CA GLU A 803 -2.85 -7.82 -11.34
C GLU A 803 -4.19 -8.17 -10.69
N ARG A 804 -4.16 -9.14 -9.79
CA ARG A 804 -5.34 -9.71 -9.12
C ARG A 804 -6.05 -10.71 -10.01
N GLY A 805 -5.46 -11.10 -11.13
CA GLY A 805 -6.05 -12.11 -12.00
C GLY A 805 -4.97 -13.00 -12.60
N ILE A 806 -5.34 -13.84 -13.57
CA ILE A 806 -4.33 -14.69 -14.19
C ILE A 806 -3.34 -13.82 -14.94
N ASN A 807 -2.06 -14.07 -14.73
CA ASN A 807 -1.02 -13.34 -15.46
C ASN A 807 -0.90 -13.89 -16.87
N LEU A 808 -0.49 -13.02 -17.78
CA LEU A 808 -0.26 -13.36 -19.17
C LEU A 808 1.21 -13.12 -19.52
N SER A 809 1.73 -13.94 -20.42
CA SER A 809 3.10 -13.74 -20.89
C SER A 809 3.25 -12.34 -21.48
N GLY A 810 4.49 -11.90 -21.60
CA GLY A 810 4.74 -10.56 -22.10
C GLY A 810 4.16 -10.33 -23.47
N GLY A 811 4.35 -11.29 -24.39
CA GLY A 811 3.77 -11.14 -25.71
C GLY A 811 2.26 -11.06 -25.69
N GLN A 812 1.63 -11.89 -24.85
CA GLN A 812 0.17 -11.85 -24.74
C GLN A 812 -0.31 -10.49 -24.27
N ARG A 813 0.34 -9.94 -23.23
CA ARG A 813 -0.07 -8.63 -22.73
C ARG A 813 0.14 -7.55 -23.79
N GLN A 814 1.28 -7.57 -24.47
CA GLN A 814 1.54 -6.53 -25.47
C GLN A 814 0.53 -6.61 -26.61
N ARG A 815 0.23 -7.84 -27.07
CA ARG A 815 -0.74 -7.97 -28.15
C ARG A 815 -2.14 -7.59 -27.71
N ILE A 816 -2.49 -7.83 -26.44
CA ILE A 816 -3.77 -7.35 -25.93
C ILE A 816 -3.81 -5.82 -25.95
N CYS A 817 -2.71 -5.18 -25.55
CA CYS A 817 -2.67 -3.72 -25.56
C CYS A 817 -2.81 -3.19 -26.97
N VAL A 818 -2.11 -3.81 -27.93
CA VAL A 818 -2.20 -3.36 -29.32
C VAL A 818 -3.62 -3.58 -29.85
N ALA A 819 -4.25 -4.67 -29.42
CA ALA A 819 -5.64 -4.92 -29.80
C ALA A 819 -6.55 -3.84 -29.25
N ARG A 820 -6.31 -3.41 -28.01
CA ARG A 820 -7.05 -2.27 -27.46
C ARG A 820 -6.87 -1.05 -28.35
N ALA A 821 -5.62 -0.78 -28.73
CA ALA A 821 -5.35 0.40 -29.56
C ALA A 821 -6.08 0.31 -30.89
N LEU A 822 -6.07 -0.87 -31.51
CA LEU A 822 -6.69 -1.02 -32.83
C LEU A 822 -8.21 -0.97 -32.77
N TYR A 823 -8.81 -1.51 -31.71
CA TYR A 823 -10.27 -1.62 -31.67
C TYR A 823 -10.94 -0.26 -31.51
N GLN A 824 -10.32 0.67 -30.79
CA GLN A 824 -10.92 1.99 -30.62
C GLN A 824 -11.14 2.65 -31.98
N ASN A 825 -12.12 3.56 -32.02
CA ASN A 825 -12.54 4.18 -33.26
C ASN A 825 -11.97 5.59 -33.43
N THR A 826 -10.82 5.87 -32.82
CA THR A 826 -10.16 7.15 -33.01
C THR A 826 -9.53 7.20 -34.41
N ASN A 827 -8.93 8.34 -34.74
CA ASN A 827 -8.35 8.52 -36.07
C ASN A 827 -6.83 8.44 -36.08
N ILE A 828 -6.16 8.69 -34.95
CA ILE A 828 -4.71 8.64 -34.86
C ILE A 828 -4.32 7.53 -33.91
N VAL A 829 -3.36 6.70 -34.33
CA VAL A 829 -2.92 5.54 -33.56
C VAL A 829 -1.41 5.67 -33.37
N PHE A 830 -0.98 5.85 -32.12
CA PHE A 830 0.43 5.89 -31.77
C PHE A 830 0.81 4.53 -31.18
N LEU A 831 1.58 3.74 -31.94
CA LEU A 831 2.06 2.44 -31.49
C LEU A 831 3.55 2.56 -31.22
N ASP A 832 3.94 2.36 -29.96
CA ASP A 832 5.33 2.53 -29.54
C ASP A 832 5.97 1.15 -29.41
N ASP A 833 6.64 0.72 -30.48
CA ASP A 833 7.37 -0.54 -30.52
C ASP A 833 6.47 -1.70 -30.09
N PRO A 834 5.51 -2.09 -30.94
CA PRO A 834 4.64 -3.23 -30.59
C PRO A 834 5.25 -4.59 -30.84
N PHE A 835 6.44 -4.67 -31.46
CA PHE A 835 7.06 -5.93 -31.84
C PHE A 835 8.19 -6.33 -30.89
N SER A 836 8.29 -5.70 -29.72
CA SER A 836 9.40 -6.00 -28.82
C SER A 836 9.32 -7.42 -28.29
N ALA A 837 8.13 -7.83 -27.81
CA ALA A 837 7.95 -9.16 -27.26
C ALA A 837 7.56 -10.19 -28.29
N LEU A 838 6.96 -9.77 -29.40
CA LEU A 838 6.49 -10.70 -30.41
C LEU A 838 7.65 -11.31 -31.18
N ASP A 839 7.45 -12.55 -31.65
CA ASP A 839 8.44 -13.23 -32.46
C ASP A 839 8.27 -12.81 -33.92
N ILE A 840 8.97 -13.49 -34.84
CA ILE A 840 8.93 -13.09 -36.24
C ILE A 840 7.54 -13.35 -36.84
N HIS A 841 6.96 -14.52 -36.57
CA HIS A 841 5.68 -14.86 -37.18
C HIS A 841 4.57 -13.95 -36.69
N LEU A 842 4.44 -13.80 -35.37
CA LEU A 842 3.40 -12.93 -34.82
C LEU A 842 3.62 -11.48 -35.24
N SER A 843 4.88 -11.02 -35.23
CA SER A 843 5.16 -9.65 -35.61
C SER A 843 4.76 -9.39 -37.06
N ASP A 844 5.11 -10.32 -37.96
CA ASP A 844 4.76 -10.13 -39.37
C ASP A 844 3.26 -10.19 -39.57
N HIS A 845 2.58 -11.11 -38.88
CA HIS A 845 1.13 -11.20 -39.00
C HIS A 845 0.48 -9.90 -38.54
N LEU A 846 0.95 -9.35 -37.41
CA LEU A 846 0.44 -8.06 -36.96
C LEU A 846 0.69 -6.99 -38.02
N MET A 847 1.95 -6.82 -38.42
CA MET A 847 2.30 -5.76 -39.36
C MET A 847 1.41 -5.82 -40.59
N GLN A 848 1.19 -7.01 -41.14
CA GLN A 848 0.38 -7.09 -42.34
C GLN A 848 -1.08 -6.85 -42.01
N GLU A 849 -1.71 -7.79 -41.29
CA GLU A 849 -3.17 -7.78 -41.18
C GLU A 849 -3.65 -6.63 -40.28
N GLY A 850 -3.09 -6.50 -39.08
CA GLY A 850 -3.63 -5.55 -38.14
C GLY A 850 -3.40 -4.11 -38.56
N ILE A 851 -2.25 -3.82 -39.16
CA ILE A 851 -1.93 -2.44 -39.53
C ILE A 851 -2.19 -2.22 -41.00
N LEU A 852 -1.41 -2.87 -41.88
CA LEU A 852 -1.37 -2.43 -43.27
C LEU A 852 -2.72 -2.59 -43.94
N LYS A 853 -3.51 -3.56 -43.46
CA LYS A 853 -4.82 -3.84 -44.03
C LYS A 853 -5.93 -3.13 -43.27
N PHE A 854 -6.04 -3.39 -41.97
CA PHE A 854 -7.15 -2.85 -41.17
C PHE A 854 -7.08 -1.34 -41.06
N LEU A 855 -5.93 -0.80 -40.61
CA LEU A 855 -5.88 0.65 -40.37
C LEU A 855 -5.96 1.42 -41.67
N GLN A 856 -5.46 0.84 -42.77
CA GLN A 856 -5.58 1.50 -44.07
C GLN A 856 -7.00 1.41 -44.62
N ASP A 857 -7.72 0.33 -44.31
CA ASP A 857 -9.13 0.26 -44.68
C ASP A 857 -9.93 1.33 -43.95
N ASP A 858 -9.63 1.55 -42.67
CA ASP A 858 -10.28 2.63 -41.94
C ASP A 858 -9.65 3.99 -42.21
N LYS A 859 -8.56 4.05 -42.97
CA LYS A 859 -7.90 5.30 -43.33
C LYS A 859 -7.54 6.12 -42.08
N ARG A 860 -6.91 5.45 -41.12
CA ARG A 860 -6.50 6.07 -39.87
C ARG A 860 -5.02 6.42 -39.92
N THR A 861 -4.66 7.54 -39.29
CA THR A 861 -3.26 7.93 -39.19
C THR A 861 -2.55 7.04 -38.19
N VAL A 862 -1.37 6.55 -38.57
CA VAL A 862 -0.60 5.60 -37.77
C VAL A 862 0.82 6.14 -37.62
N VAL A 863 1.35 6.09 -36.40
CA VAL A 863 2.73 6.48 -36.11
C VAL A 863 3.38 5.31 -35.39
N LEU A 864 4.37 4.70 -36.03
CA LEU A 864 5.07 3.55 -35.47
C LEU A 864 6.44 3.95 -34.98
N VAL A 865 6.82 3.45 -33.80
CA VAL A 865 8.14 3.63 -33.23
C VAL A 865 8.75 2.24 -33.12
N THR A 866 9.50 1.83 -34.14
CA THR A 866 10.02 0.47 -34.20
C THR A 866 11.47 0.48 -34.65
N HIS A 867 12.19 -0.57 -34.25
CA HIS A 867 13.55 -0.81 -34.74
C HIS A 867 13.59 -1.76 -35.92
N LYS A 868 12.44 -2.28 -36.34
CA LYS A 868 12.38 -3.22 -37.46
C LYS A 868 12.57 -2.48 -38.78
N LEU A 869 13.82 -2.31 -39.20
CA LEU A 869 14.10 -1.55 -40.41
C LEU A 869 13.58 -2.21 -41.67
N GLN A 870 13.31 -3.52 -41.64
CA GLN A 870 12.79 -4.20 -42.81
C GLN A 870 11.41 -3.68 -43.20
N TYR A 871 10.69 -3.07 -42.27
CA TYR A 871 9.36 -2.53 -42.55
C TYR A 871 9.41 -1.13 -43.16
N LEU A 872 10.60 -0.53 -43.31
CA LEU A 872 10.68 0.82 -43.86
C LEU A 872 10.19 0.89 -45.29
N THR A 873 10.12 -0.24 -46.00
CA THR A 873 9.59 -0.23 -47.36
C THR A 873 8.10 0.09 -47.37
N HIS A 874 7.37 -0.35 -46.34
CA HIS A 874 5.93 -0.09 -46.26
C HIS A 874 5.61 1.33 -45.78
N ALA A 875 6.57 2.01 -45.17
CA ALA A 875 6.29 3.30 -44.57
C ALA A 875 5.97 4.34 -45.63
N ASP A 876 5.03 5.24 -45.31
CA ASP A 876 4.71 6.37 -46.17
C ASP A 876 5.49 7.63 -45.81
N TRP A 877 5.80 7.82 -44.52
CA TRP A 877 6.59 8.94 -44.04
C TRP A 877 7.55 8.42 -42.99
N ILE A 878 8.79 8.92 -43.01
CA ILE A 878 9.86 8.40 -42.16
C ILE A 878 10.48 9.56 -41.39
N ILE A 879 10.57 9.41 -40.07
CA ILE A 879 11.26 10.35 -39.20
C ILE A 879 12.47 9.63 -38.61
N ALA A 880 13.65 10.24 -38.76
CA ALA A 880 14.89 9.69 -38.21
C ALA A 880 15.37 10.60 -37.09
N MET A 881 15.56 10.04 -35.91
CA MET A 881 15.93 10.80 -34.72
C MET A 881 17.30 10.36 -34.22
N LYS A 882 18.14 11.33 -33.88
CA LYS A 882 19.45 11.03 -33.30
C LYS A 882 19.77 12.06 -32.23
N ASP A 883 20.12 11.58 -31.03
CA ASP A 883 20.55 12.44 -29.93
C ASP A 883 19.53 13.53 -29.63
N GLY A 884 18.25 13.16 -29.66
CA GLY A 884 17.17 14.03 -29.25
C GLY A 884 16.64 14.94 -30.33
N SER A 885 17.35 15.09 -31.45
CA SER A 885 16.93 15.98 -32.52
C SER A 885 16.70 15.18 -33.79
N VAL A 886 15.72 15.62 -34.58
CA VAL A 886 15.40 14.93 -35.84
C VAL A 886 16.56 15.14 -36.81
N LEU A 887 17.15 14.04 -37.27
CA LEU A 887 18.26 14.11 -38.21
C LEU A 887 17.78 14.38 -39.63
N ARG A 888 16.73 13.68 -40.06
CA ARG A 888 16.19 13.86 -41.40
C ARG A 888 14.75 13.32 -41.41
N GLU A 889 13.95 13.86 -42.32
CA GLU A 889 12.53 13.53 -42.39
C GLU A 889 12.09 13.57 -43.85
N GLY A 890 11.37 12.54 -44.26
CA GLY A 890 10.84 12.49 -45.61
C GLY A 890 10.60 11.06 -46.05
N THR A 891 10.15 10.93 -47.31
CA THR A 891 9.96 9.61 -47.89
C THR A 891 11.30 8.92 -48.08
N LEU A 892 11.25 7.60 -48.30
CA LEU A 892 12.49 6.84 -48.46
C LEU A 892 13.33 7.39 -49.61
N LYS A 893 12.70 7.69 -50.74
CA LYS A 893 13.44 8.26 -51.87
C LYS A 893 14.02 9.62 -51.53
N ASP A 894 13.27 10.44 -50.76
CA ASP A 894 13.80 11.73 -50.35
C ASP A 894 15.04 11.57 -49.49
N ILE A 895 15.01 10.62 -48.55
CA ILE A 895 16.19 10.38 -47.71
C ILE A 895 17.36 9.90 -48.58
N GLN A 896 17.08 9.01 -49.53
CA GLN A 896 18.15 8.51 -50.39
C GLN A 896 18.78 9.64 -51.19
N THR A 897 17.97 10.56 -51.70
CA THR A 897 18.49 11.67 -52.49
C THR A 897 19.26 12.67 -51.63
N LYS A 898 18.72 13.04 -50.47
CA LYS A 898 19.36 14.05 -49.63
C LYS A 898 20.51 13.45 -48.83
N ASP A 899 20.21 12.51 -47.94
CA ASP A 899 21.18 11.92 -47.04
C ASP A 899 21.50 10.51 -47.53
N VAL A 900 22.50 10.42 -48.42
CA VAL A 900 22.95 9.11 -48.90
C VAL A 900 23.54 8.31 -47.75
N GLU A 901 24.19 8.97 -46.80
CA GLU A 901 24.82 8.25 -45.70
C GLU A 901 23.80 7.46 -44.89
N LEU A 902 22.68 8.07 -44.53
CA LEU A 902 21.70 7.38 -43.70
C LEU A 902 21.05 6.21 -44.45
N TYR A 903 20.71 6.40 -45.72
CA TYR A 903 20.13 5.31 -46.50
C TYR A 903 21.12 4.16 -46.65
N GLU A 904 22.39 4.47 -46.91
CA GLU A 904 23.40 3.43 -47.00
C GLU A 904 23.57 2.70 -45.67
N HIS A 905 23.52 3.44 -44.56
CA HIS A 905 23.61 2.81 -43.24
C HIS A 905 22.45 1.86 -43.01
N TRP A 906 21.23 2.29 -43.34
CA TRP A 906 20.07 1.41 -43.20
C TRP A 906 20.22 0.16 -44.06
N LYS A 907 20.66 0.32 -45.31
CA LYS A 907 20.83 -0.83 -46.18
C LYS A 907 21.88 -1.78 -45.65
N THR A 908 22.99 -1.24 -45.13
CA THR A 908 24.02 -2.09 -44.54
C THR A 908 23.48 -2.85 -43.33
N LEU A 909 22.70 -2.18 -42.49
CA LEU A 909 22.13 -2.85 -41.32
C LEU A 909 21.18 -3.96 -41.76
N MET A 910 20.43 -3.75 -42.85
CA MET A 910 19.51 -4.76 -43.34
C MET A 910 20.20 -5.84 -44.19
N ASN A 911 21.47 -5.66 -44.53
CA ASN A 911 22.26 -6.64 -45.26
C ASN A 911 21.78 -6.86 -46.70
N ARG A 912 20.98 -5.94 -47.23
CA ARG A 912 20.50 -6.05 -48.61
C ARG A 912 21.66 -5.99 -49.60
N TRP A 975 -9.84 -15.94 19.04
CA TRP A 975 -9.48 -17.14 18.32
C TRP A 975 -8.12 -17.65 18.79
N LYS A 976 -7.55 -18.60 18.04
CA LYS A 976 -6.19 -19.05 18.31
C LYS A 976 -5.17 -17.97 17.98
N THR A 977 -5.46 -17.15 16.97
CA THR A 977 -4.54 -16.07 16.60
C THR A 977 -4.41 -15.06 17.73
N CYS A 978 -5.51 -14.76 18.41
CA CYS A 978 -5.44 -13.85 19.56
C CYS A 978 -4.54 -14.41 20.65
N TRP A 979 -4.67 -15.71 20.94
CA TRP A 979 -3.81 -16.31 21.96
C TRP A 979 -2.36 -16.30 21.52
N TRP A 980 -2.10 -16.55 20.23
CA TRP A 980 -0.73 -16.50 19.74
C TRP A 980 -0.14 -15.09 19.87
N TYR A 981 -0.94 -14.08 19.54
CA TYR A 981 -0.49 -12.70 19.68
C TYR A 981 -0.16 -12.38 21.13
N LEU A 982 -1.02 -12.82 22.05
CA LEU A 982 -0.74 -12.57 23.47
C LEU A 982 0.47 -13.35 23.95
N THR A 983 0.63 -14.59 23.49
CA THR A 983 1.73 -15.43 23.96
C THR A 983 3.08 -15.00 23.38
N SER A 984 3.08 -14.27 22.27
CA SER A 984 4.36 -13.81 21.71
C SER A 984 5.26 -13.18 22.77
N GLY A 985 4.66 -12.64 23.84
CA GLY A 985 5.48 -12.08 24.91
C GLY A 985 6.34 -13.13 25.59
N GLY A 986 5.77 -14.30 25.85
CA GLY A 986 6.49 -15.39 26.47
C GLY A 986 6.01 -15.83 27.83
N PHE A 987 4.78 -15.50 28.21
CA PHE A 987 4.13 -15.88 29.47
C PHE A 987 4.65 -15.10 30.67
N PHE A 988 5.67 -14.26 30.49
CA PHE A 988 6.08 -13.33 31.55
C PHE A 988 5.47 -11.95 31.36
N LEU A 989 5.43 -11.45 30.12
CA LEU A 989 4.82 -10.14 29.87
C LEU A 989 3.30 -10.23 29.90
N LEU A 990 2.72 -11.33 29.40
CA LEU A 990 1.27 -11.48 29.44
C LEU A 990 0.76 -11.51 30.88
N PHE A 991 1.32 -12.39 31.70
CA PHE A 991 0.87 -12.52 33.08
C PHE A 991 1.23 -11.28 33.90
N LEU A 992 2.42 -10.73 33.66
CA LEU A 992 2.77 -9.47 34.32
C LEU A 992 1.72 -8.41 34.02
N MET A 993 1.37 -8.26 32.74
CA MET A 993 0.37 -7.26 32.36
C MET A 993 -0.95 -7.49 33.10
N ILE A 994 -1.48 -8.71 33.03
CA ILE A 994 -2.81 -8.96 33.58
C ILE A 994 -2.82 -8.76 35.10
N PHE A 995 -1.82 -9.31 35.80
CA PHE A 995 -1.74 -9.16 37.24
C PHE A 995 -1.60 -7.70 37.64
N SER A 996 -0.73 -6.95 36.95
CA SER A 996 -0.54 -5.55 37.29
C SER A 996 -1.81 -4.75 37.09
N LYS A 997 -2.54 -4.98 36.00
CA LYS A 997 -3.76 -4.23 35.76
C LYS A 997 -4.82 -4.56 36.81
N LEU A 998 -4.98 -5.84 37.14
CA LEU A 998 -5.91 -6.21 38.21
C LEU A 998 -5.58 -5.45 39.50
N LEU A 999 -4.30 -5.46 39.89
CA LEU A 999 -3.93 -4.79 41.13
C LEU A 999 -4.18 -3.28 41.06
N LYS A 1000 -3.88 -2.66 39.90
CA LYS A 1000 -4.10 -1.22 39.78
C LYS A 1000 -5.56 -0.86 39.99
N HIS A 1001 -6.46 -1.57 39.29
CA HIS A 1001 -7.88 -1.25 39.44
C HIS A 1001 -8.35 -1.53 40.86
N SER A 1002 -7.84 -2.60 41.48
CA SER A 1002 -8.16 -2.84 42.89
C SER A 1002 -7.76 -1.68 43.76
N VAL A 1003 -6.56 -1.13 43.54
CA VAL A 1003 -6.09 -0.02 44.38
C VAL A 1003 -6.94 1.22 44.16
N ILE A 1004 -7.35 1.48 42.92
CA ILE A 1004 -8.20 2.65 42.66
C ILE A 1004 -9.53 2.54 43.41
N VAL A 1005 -10.16 1.38 43.30
CA VAL A 1005 -11.42 1.18 44.01
C VAL A 1005 -11.20 1.27 45.51
N ALA A 1006 -10.04 0.80 45.99
CA ALA A 1006 -9.73 0.91 47.42
C ALA A 1006 -9.57 2.37 47.82
N ILE A 1007 -9.02 3.20 46.94
CA ILE A 1007 -8.94 4.62 47.21
C ILE A 1007 -10.34 5.19 47.44
N ASP A 1008 -11.26 4.84 46.54
CA ASP A 1008 -12.63 5.34 46.70
C ASP A 1008 -13.26 4.83 47.99
N TYR A 1009 -13.05 3.55 48.31
CA TYR A 1009 -13.62 2.99 49.53
C TYR A 1009 -13.03 3.66 50.77
N TRP A 1010 -11.73 3.96 50.74
CA TRP A 1010 -11.10 4.64 51.86
C TRP A 1010 -11.69 6.03 52.04
N LEU A 1011 -11.93 6.74 50.93
CA LEU A 1011 -12.57 8.05 51.06
C LEU A 1011 -13.96 7.92 51.67
N ALA A 1012 -14.74 6.92 51.25
CA ALA A 1012 -16.07 6.73 51.81
C ALA A 1012 -15.99 6.47 53.31
N THR A 1013 -15.15 5.53 53.73
CA THR A 1013 -15.02 5.22 55.15
C THR A 1013 -14.51 6.43 55.93
N TRP A 1014 -13.57 7.17 55.36
CA TRP A 1014 -13.00 8.34 56.02
C TRP A 1014 -14.07 9.39 56.28
N THR A 1015 -14.90 9.67 55.27
CA THR A 1015 -15.94 10.67 55.44
C THR A 1015 -17.10 10.13 56.28
N SER A 1016 -17.17 8.82 56.48
CA SER A 1016 -18.11 8.29 57.45
C SER A 1016 -17.75 8.67 58.88
N GLU A 1017 -16.53 9.14 59.13
CA GLU A 1017 -16.15 9.57 60.48
C GLU A 1017 -17.06 10.69 60.96
N TYR A 1018 -17.24 11.72 60.13
CA TYR A 1018 -18.11 12.84 60.45
C TYR A 1018 -17.91 13.36 61.87
N GLN A 1028 -6.98 13.40 60.68
CA GLN A 1028 -6.51 12.24 61.42
C GLN A 1028 -5.30 11.62 60.73
N THR A 1029 -4.25 11.33 61.52
CA THR A 1029 -3.01 10.82 60.95
C THR A 1029 -3.22 9.48 60.26
N PHE A 1030 -3.97 8.57 60.90
CA PHE A 1030 -4.15 7.23 60.33
C PHE A 1030 -4.78 7.29 58.95
N TYR A 1031 -5.90 8.02 58.83
CA TYR A 1031 -6.61 8.06 57.56
C TYR A 1031 -5.77 8.72 56.47
N VAL A 1032 -5.10 9.83 56.81
CA VAL A 1032 -4.29 10.52 55.81
C VAL A 1032 -3.16 9.62 55.34
N ALA A 1033 -2.50 8.92 56.27
CA ALA A 1033 -1.39 8.05 55.89
C ALA A 1033 -1.87 6.92 54.99
N GLY A 1034 -2.96 6.26 55.37
CA GLY A 1034 -3.48 5.18 54.55
C GLY A 1034 -3.88 5.65 53.16
N PHE A 1035 -4.58 6.79 53.09
CA PHE A 1035 -4.96 7.37 51.81
C PHE A 1035 -3.74 7.68 50.96
N SER A 1036 -2.70 8.24 51.58
CA SER A 1036 -1.50 8.60 50.83
C SER A 1036 -0.81 7.38 50.25
N ILE A 1037 -0.66 6.33 51.06
CA ILE A 1037 0.02 5.14 50.54
C ILE A 1037 -0.81 4.49 49.44
N LEU A 1038 -2.14 4.47 49.61
CA LEU A 1038 -3.00 3.94 48.57
C LEU A 1038 -2.79 4.68 47.25
N CYS A 1039 -2.79 6.02 47.31
CA CYS A 1039 -2.62 6.81 46.09
C CYS A 1039 -1.25 6.58 45.45
N GLY A 1040 -0.20 6.51 46.28
CA GLY A 1040 1.13 6.28 45.73
C GLY A 1040 1.23 4.95 45.02
N ALA A 1041 0.72 3.88 45.65
CA ALA A 1041 0.73 2.58 45.01
C ALA A 1041 -0.08 2.61 43.72
N GLY A 1042 -1.21 3.32 43.72
CA GLY A 1042 -1.99 3.45 42.51
C GLY A 1042 -1.19 4.06 41.38
N ILE A 1043 -0.45 5.13 41.68
CA ILE A 1043 0.35 5.79 40.65
C ILE A 1043 1.40 4.82 40.09
N PHE A 1044 2.09 4.12 40.98
CA PHE A 1044 3.15 3.20 40.55
C PHE A 1044 2.58 2.11 39.63
N LEU A 1045 1.47 1.49 40.04
CA LEU A 1045 0.86 0.46 39.22
C LEU A 1045 0.34 1.03 37.91
N CYS A 1046 -0.15 2.28 37.91
CA CYS A 1046 -0.53 2.92 36.66
C CYS A 1046 0.65 2.93 35.69
N LEU A 1047 1.81 3.35 36.17
CA LEU A 1047 2.99 3.39 35.30
C LEU A 1047 3.29 2.01 34.71
N VAL A 1048 3.35 0.99 35.57
CA VAL A 1048 3.72 -0.35 35.10
C VAL A 1048 2.73 -0.85 34.06
N THR A 1049 1.43 -0.73 34.37
CA THR A 1049 0.40 -1.22 33.46
C THR A 1049 0.41 -0.46 32.15
N SER A 1050 0.77 0.83 32.18
CA SER A 1050 0.88 1.59 30.95
C SER A 1050 1.97 1.03 30.05
N LEU A 1051 3.11 0.65 30.64
CA LEU A 1051 4.23 0.21 29.81
C LEU A 1051 4.00 -1.18 29.21
N THR A 1052 3.36 -2.07 29.98
CA THR A 1052 3.37 -3.49 29.60
C THR A 1052 2.74 -3.73 28.21
N VAL A 1053 1.53 -3.20 27.99
CA VAL A 1053 0.78 -3.54 26.78
C VAL A 1053 1.53 -3.06 25.54
N GLU A 1054 2.07 -1.84 25.60
CA GLU A 1054 2.79 -1.30 24.45
C GLU A 1054 4.02 -2.15 24.15
N TRP A 1055 4.74 -2.60 25.19
CA TRP A 1055 5.89 -3.46 24.92
C TRP A 1055 5.45 -4.74 24.22
N MET A 1056 4.36 -5.35 24.69
CA MET A 1056 3.84 -6.54 24.05
C MET A 1056 3.56 -6.29 22.57
N GLY A 1057 2.91 -5.17 22.27
CA GLY A 1057 2.57 -4.88 20.88
C GLY A 1057 3.81 -4.70 20.01
N LEU A 1058 4.82 -4.00 20.53
CA LEU A 1058 6.06 -3.84 19.79
C LEU A 1058 6.65 -5.19 19.43
N THR A 1059 6.79 -6.08 20.42
CA THR A 1059 7.42 -7.37 20.16
C THR A 1059 6.61 -8.18 19.15
N ALA A 1060 5.28 -8.18 19.30
CA ALA A 1060 4.44 -8.95 18.39
C ALA A 1060 4.60 -8.45 16.95
N ALA A 1061 4.60 -7.13 16.76
CA ALA A 1061 4.75 -6.58 15.41
C ALA A 1061 6.08 -6.99 14.81
N LYS A 1062 7.16 -6.85 15.59
CA LYS A 1062 8.48 -7.18 15.07
C LYS A 1062 8.53 -8.64 14.62
N ASN A 1063 8.13 -9.55 15.50
CA ASN A 1063 8.22 -10.97 15.17
C ASN A 1063 7.34 -11.32 13.98
N LEU A 1064 6.11 -10.80 13.94
CA LEU A 1064 5.21 -11.11 12.85
C LEU A 1064 5.83 -10.70 11.51
N HIS A 1065 6.28 -9.44 11.41
CA HIS A 1065 6.81 -8.99 10.13
C HIS A 1065 8.08 -9.76 9.76
N HIS A 1066 8.95 -10.04 10.74
CA HIS A 1066 10.19 -10.75 10.43
C HIS A 1066 9.89 -12.13 9.85
N ASN A 1067 8.97 -12.86 10.50
CA ASN A 1067 8.62 -14.19 9.99
C ASN A 1067 8.02 -14.09 8.60
N LEU A 1068 7.07 -13.16 8.41
CA LEU A 1068 6.44 -13.03 7.11
C LEU A 1068 7.49 -12.77 6.03
N LEU A 1069 8.37 -11.79 6.25
CA LEU A 1069 9.33 -11.43 5.23
C LEU A 1069 10.27 -12.59 4.92
N ASN A 1070 10.84 -13.20 5.96
CA ASN A 1070 11.83 -14.25 5.70
C ASN A 1070 11.19 -15.46 5.03
N LYS A 1071 9.97 -15.84 5.43
CA LYS A 1071 9.34 -16.99 4.80
C LYS A 1071 8.94 -16.67 3.35
N ILE A 1072 8.47 -15.45 3.10
CA ILE A 1072 8.00 -15.11 1.76
C ILE A 1072 9.13 -15.20 0.75
N ILE A 1073 10.29 -14.62 1.07
CA ILE A 1073 11.36 -14.53 0.08
C ILE A 1073 11.96 -15.88 -0.24
N LEU A 1074 11.85 -16.86 0.67
CA LEU A 1074 12.38 -18.18 0.39
C LEU A 1074 11.44 -19.03 -0.45
N GLY A 1075 10.18 -18.61 -0.64
CA GLY A 1075 9.21 -19.42 -1.35
C GLY A 1075 9.62 -19.70 -2.77
N PRO A 1076 9.02 -20.74 -3.37
CA PRO A 1076 9.32 -21.05 -4.77
C PRO A 1076 8.70 -20.03 -5.71
N ILE A 1077 9.29 -19.93 -6.90
CA ILE A 1077 8.81 -18.96 -7.88
C ILE A 1077 7.38 -19.27 -8.30
N ARG A 1078 6.98 -20.54 -8.26
CA ARG A 1078 5.61 -20.91 -8.61
C ARG A 1078 4.61 -20.18 -7.73
N PHE A 1079 4.94 -20.01 -6.45
CA PHE A 1079 4.04 -19.29 -5.54
C PHE A 1079 3.80 -17.87 -6.02
N PHE A 1080 4.87 -17.17 -6.42
CA PHE A 1080 4.72 -15.80 -6.89
C PHE A 1080 4.01 -15.75 -8.23
N ASP A 1081 4.23 -16.74 -9.09
CA ASP A 1081 3.51 -16.78 -10.36
C ASP A 1081 2.01 -16.97 -10.15
N THR A 1082 1.63 -17.82 -9.19
CA THR A 1082 0.22 -18.11 -8.97
C THR A 1082 -0.48 -16.98 -8.22
N THR A 1083 0.07 -16.59 -7.08
CA THR A 1083 -0.58 -15.61 -6.22
C THR A 1083 -0.41 -14.20 -6.77
N PRO A 1084 -1.48 -13.41 -6.88
CA PRO A 1084 -1.32 -12.00 -7.26
C PRO A 1084 -0.43 -11.26 -6.28
N LEU A 1085 0.39 -10.34 -6.83
CA LEU A 1085 1.25 -9.54 -5.98
C LEU A 1085 0.46 -8.73 -4.97
N GLY A 1086 -0.79 -8.40 -5.29
CA GLY A 1086 -1.60 -7.64 -4.34
C GLY A 1086 -1.78 -8.38 -3.03
N LEU A 1087 -2.05 -9.68 -3.09
CA LEU A 1087 -2.32 -10.45 -1.88
C LEU A 1087 -1.11 -10.56 -0.97
N ILE A 1088 0.08 -10.20 -1.44
CA ILE A 1088 1.29 -10.20 -0.61
C ILE A 1088 1.64 -8.79 -0.15
N LEU A 1089 1.65 -7.83 -1.10
CA LEU A 1089 1.95 -6.46 -0.72
C LEU A 1089 0.92 -5.89 0.23
N ASN A 1090 -0.33 -6.36 0.17
CA ASN A 1090 -1.33 -5.93 1.14
C ASN A 1090 -1.00 -6.44 2.53
N ARG A 1091 -0.61 -7.71 2.64
CA ARG A 1091 -0.11 -8.21 3.92
C ARG A 1091 1.00 -7.32 4.44
N PHE A 1092 1.95 -6.98 3.56
CA PHE A 1092 3.13 -6.23 4.02
C PHE A 1092 2.78 -4.80 4.41
N SER A 1093 1.82 -4.17 3.74
CA SER A 1093 1.50 -2.77 4.01
C SER A 1093 0.34 -2.59 4.99
N ALA A 1094 -0.86 -3.03 4.61
CA ALA A 1094 -2.04 -2.69 5.40
C ALA A 1094 -2.13 -3.53 6.66
N ASP A 1095 -1.94 -4.85 6.54
CA ASP A 1095 -1.98 -5.71 7.71
C ASP A 1095 -0.84 -5.39 8.66
N THR A 1096 0.33 -5.08 8.12
CA THR A 1096 1.45 -4.68 8.97
C THR A 1096 1.16 -3.36 9.68
N ASN A 1097 0.53 -2.42 8.98
CA ASN A 1097 0.15 -1.17 9.62
C ASN A 1097 -0.82 -1.43 10.76
N ILE A 1098 -1.80 -2.30 10.54
CA ILE A 1098 -2.70 -2.70 11.63
C ILE A 1098 -1.89 -3.23 12.80
N ILE A 1099 -1.14 -4.32 12.57
CA ILE A 1099 -0.45 -4.99 13.66
C ILE A 1099 0.47 -4.04 14.40
N ASP A 1100 1.06 -3.06 13.69
CA ASP A 1100 2.02 -2.17 14.32
C ASP A 1100 1.31 -1.10 15.15
N GLN A 1101 0.31 -0.43 14.57
CA GLN A 1101 -0.17 0.82 15.13
C GLN A 1101 -1.61 0.79 15.63
N HIS A 1102 -2.41 -0.22 15.29
CA HIS A 1102 -3.81 -0.23 15.65
C HIS A 1102 -4.17 -1.25 16.70
N ILE A 1103 -3.41 -2.35 16.81
CA ILE A 1103 -3.77 -3.41 17.74
C ILE A 1103 -3.39 -3.03 19.17
N PRO A 1104 -2.17 -2.54 19.43
CA PRO A 1104 -1.78 -2.25 20.82
C PRO A 1104 -2.73 -1.25 21.49
N PRO A 1105 -3.07 -0.15 20.82
CA PRO A 1105 -3.98 0.81 21.45
C PRO A 1105 -5.36 0.23 21.70
N THR A 1106 -5.90 -0.50 20.71
CA THR A 1106 -7.20 -1.13 20.89
C THR A 1106 -7.18 -2.09 22.07
N LEU A 1107 -6.12 -2.91 22.17
CA LEU A 1107 -6.03 -3.88 23.24
C LEU A 1107 -5.94 -3.21 24.59
N GLU A 1108 -5.10 -2.18 24.72
CA GLU A 1108 -4.96 -1.52 26.02
C GLU A 1108 -6.26 -0.85 26.43
N SER A 1109 -6.94 -0.17 25.50
CA SER A 1109 -8.22 0.43 25.84
C SER A 1109 -9.24 -0.63 26.23
N LEU A 1110 -9.24 -1.76 25.52
CA LEU A 1110 -10.16 -2.85 25.85
C LEU A 1110 -9.93 -3.34 27.27
N THR A 1111 -8.66 -3.59 27.62
CA THR A 1111 -8.37 -4.09 28.96
C THR A 1111 -8.78 -3.07 30.02
N ARG A 1112 -8.45 -1.79 29.80
CA ARG A 1112 -8.84 -0.77 30.76
C ARG A 1112 -10.36 -0.77 30.97
N SER A 1113 -11.11 -0.75 29.86
CA SER A 1113 -12.56 -0.67 29.97
C SER A 1113 -13.14 -1.90 30.65
N THR A 1114 -12.69 -3.08 30.25
CA THR A 1114 -13.27 -4.30 30.81
C THR A 1114 -12.95 -4.43 32.30
N LEU A 1115 -11.72 -4.08 32.70
CA LEU A 1115 -11.39 -4.16 34.11
C LEU A 1115 -12.15 -3.12 34.92
N LEU A 1116 -12.36 -1.92 34.36
CA LEU A 1116 -13.19 -0.93 35.06
C LEU A 1116 -14.60 -1.46 35.26
N CYS A 1117 -15.17 -2.08 34.22
CA CYS A 1117 -16.55 -2.59 34.34
C CYS A 1117 -16.62 -3.72 35.35
N LEU A 1118 -15.70 -4.68 35.28
CA LEU A 1118 -15.72 -5.79 36.23
C LEU A 1118 -15.51 -5.30 37.66
N SER A 1119 -14.60 -4.34 37.83
CA SER A 1119 -14.35 -3.77 39.15
C SER A 1119 -15.59 -3.07 39.70
N ALA A 1120 -16.29 -2.33 38.84
CA ALA A 1120 -17.52 -1.67 39.27
C ALA A 1120 -18.56 -2.71 39.67
N ILE A 1121 -18.68 -3.79 38.90
CA ILE A 1121 -19.62 -4.84 39.26
C ILE A 1121 -19.27 -5.42 40.63
N GLY A 1122 -17.99 -5.69 40.86
CA GLY A 1122 -17.58 -6.23 42.14
C GLY A 1122 -17.87 -5.29 43.30
N MET A 1123 -17.55 -4.00 43.12
CA MET A 1123 -17.83 -3.04 44.18
C MET A 1123 -19.32 -2.93 44.46
N ILE A 1124 -20.14 -2.94 43.40
CA ILE A 1124 -21.59 -2.88 43.60
C ILE A 1124 -22.08 -4.09 44.35
N SER A 1125 -21.62 -5.29 43.96
CA SER A 1125 -22.03 -6.50 44.65
C SER A 1125 -21.62 -6.46 46.11
N TYR A 1126 -20.44 -5.92 46.40
CA TYR A 1126 -20.04 -5.74 47.79
C TYR A 1126 -20.98 -4.77 48.51
N ALA A 1127 -21.35 -3.68 47.84
CA ALA A 1127 -22.26 -2.70 48.44
C ALA A 1127 -23.61 -3.34 48.73
N THR A 1128 -24.30 -3.80 47.69
CA THR A 1128 -25.60 -4.44 47.83
C THR A 1128 -25.52 -5.88 47.33
N PRO A 1129 -25.58 -6.89 48.20
CA PRO A 1129 -25.47 -8.27 47.71
C PRO A 1129 -26.58 -8.68 46.77
N VAL A 1130 -27.78 -8.12 46.91
CA VAL A 1130 -28.90 -8.57 46.10
C VAL A 1130 -28.69 -8.27 44.62
N PHE A 1131 -27.78 -7.35 44.30
CA PHE A 1131 -27.53 -7.01 42.90
C PHE A 1131 -27.06 -8.22 42.10
N LEU A 1132 -26.40 -9.17 42.76
CA LEU A 1132 -25.96 -10.38 42.06
C LEU A 1132 -27.14 -11.12 41.45
N ILE A 1133 -28.32 -11.01 42.07
CA ILE A 1133 -29.50 -11.65 41.51
C ILE A 1133 -29.88 -11.00 40.19
N ALA A 1134 -29.93 -9.67 40.16
CA ALA A 1134 -30.27 -8.95 38.93
C ALA A 1134 -29.15 -8.98 37.91
N LEU A 1135 -27.95 -9.44 38.30
CA LEU A 1135 -26.84 -9.48 37.35
C LEU A 1135 -27.10 -10.47 36.23
N ALA A 1136 -27.70 -11.62 36.53
CA ALA A 1136 -27.90 -12.64 35.51
C ALA A 1136 -28.81 -12.17 34.38
N PRO A 1137 -29.99 -11.60 34.63
CA PRO A 1137 -30.82 -11.14 33.50
C PRO A 1137 -30.11 -10.17 32.57
N LEU A 1138 -29.49 -9.13 33.13
CA LEU A 1138 -28.79 -8.15 32.31
C LEU A 1138 -27.63 -8.78 31.56
N GLY A 1139 -26.92 -9.72 32.20
CA GLY A 1139 -25.86 -10.42 31.50
C GLY A 1139 -26.36 -11.24 30.34
N VAL A 1140 -27.52 -11.89 30.50
CA VAL A 1140 -28.11 -12.64 29.40
C VAL A 1140 -28.43 -11.70 28.23
N ALA A 1141 -29.03 -10.56 28.55
CA ALA A 1141 -29.32 -9.58 27.50
C ALA A 1141 -28.05 -9.14 26.80
N PHE A 1142 -26.99 -8.89 27.57
CA PHE A 1142 -25.70 -8.51 27.00
C PHE A 1142 -25.21 -9.58 26.03
N TYR A 1143 -25.24 -10.85 26.46
CA TYR A 1143 -24.77 -11.91 25.58
C TYR A 1143 -25.55 -11.93 24.28
N PHE A 1144 -26.87 -11.81 24.35
CA PHE A 1144 -27.68 -11.94 23.14
C PHE A 1144 -27.44 -10.79 22.18
N ILE A 1145 -27.43 -9.56 22.68
CA ILE A 1145 -27.17 -8.42 21.81
C ILE A 1145 -25.80 -8.56 21.16
N GLN A 1146 -24.81 -9.02 21.93
CA GLN A 1146 -23.47 -9.19 21.37
C GLN A 1146 -23.46 -10.29 20.32
N LYS A 1147 -24.14 -11.40 20.55
CA LYS A 1147 -24.22 -12.46 19.54
C LYS A 1147 -24.69 -11.88 18.21
N TYR A 1148 -25.85 -11.21 18.25
CA TYR A 1148 -26.44 -10.70 17.01
C TYR A 1148 -25.51 -9.69 16.34
N PHE A 1149 -24.97 -8.75 17.13
CA PHE A 1149 -24.13 -7.75 16.50
C PHE A 1149 -22.85 -8.34 15.95
N ARG A 1150 -22.25 -9.32 16.65
CA ARG A 1150 -20.99 -9.87 16.18
C ARG A 1150 -21.17 -10.54 14.83
N VAL A 1151 -22.27 -11.30 14.66
CA VAL A 1151 -22.49 -11.89 13.35
C VAL A 1151 -22.75 -10.80 12.31
N ALA A 1152 -23.54 -9.78 12.68
CA ALA A 1152 -23.84 -8.70 11.74
C ALA A 1152 -22.56 -7.97 11.33
N SER A 1153 -21.67 -7.72 12.29
CA SER A 1153 -20.43 -7.01 12.01
C SER A 1153 -19.52 -7.83 11.14
N LYS A 1154 -19.44 -9.14 11.37
CA LYS A 1154 -18.68 -9.99 10.46
C LYS A 1154 -19.18 -9.82 9.04
N ASP A 1155 -20.49 -9.90 8.85
CA ASP A 1155 -21.06 -9.81 7.51
C ASP A 1155 -20.77 -8.45 6.87
N LEU A 1156 -21.05 -7.36 7.59
CA LEU A 1156 -20.87 -6.03 7.01
C LEU A 1156 -19.40 -5.69 6.82
N GLN A 1157 -18.52 -6.25 7.66
CA GLN A 1157 -17.09 -6.04 7.45
C GLN A 1157 -16.61 -6.77 6.21
N GLU A 1158 -17.13 -7.98 5.96
CA GLU A 1158 -16.82 -8.65 4.70
C GLU A 1158 -17.28 -7.79 3.53
N LEU A 1159 -18.48 -7.23 3.63
CA LEU A 1159 -18.97 -6.34 2.56
C LEU A 1159 -18.03 -5.15 2.38
N ASP A 1160 -17.64 -4.50 3.48
CA ASP A 1160 -16.78 -3.33 3.38
C ASP A 1160 -15.45 -3.67 2.73
N ASP A 1161 -14.85 -4.80 3.13
CA ASP A 1161 -13.57 -5.19 2.52
C ASP A 1161 -13.74 -5.48 1.05
N SER A 1162 -14.81 -6.18 0.66
CA SER A 1162 -14.99 -6.52 -0.74
C SER A 1162 -15.29 -5.30 -1.61
N THR A 1163 -15.90 -4.27 -1.02
CA THR A 1163 -16.20 -3.06 -1.78
C THR A 1163 -15.00 -2.12 -1.89
N GLN A 1164 -14.05 -2.20 -0.97
CA GLN A 1164 -12.93 -1.27 -0.98
C GLN A 1164 -11.77 -1.73 -1.84
N LEU A 1165 -11.54 -3.05 -1.93
CA LEU A 1165 -10.46 -3.54 -2.78
C LEU A 1165 -10.63 -3.10 -4.23
N PRO A 1166 -11.81 -3.18 -4.83
CA PRO A 1166 -11.97 -2.62 -6.18
C PRO A 1166 -11.64 -1.14 -6.26
N LEU A 1167 -11.99 -0.37 -5.23
CA LEU A 1167 -11.69 1.07 -5.25
C LEU A 1167 -10.17 1.31 -5.22
N LEU A 1168 -9.46 0.60 -4.35
CA LEU A 1168 -8.02 0.74 -4.30
C LEU A 1168 -7.39 0.29 -5.60
N CYS A 1169 -7.91 -0.80 -6.19
CA CYS A 1169 -7.39 -1.26 -7.47
C CYS A 1169 -7.64 -0.23 -8.56
N HIS A 1170 -8.77 0.46 -8.51
CA HIS A 1170 -9.05 1.50 -9.49
C HIS A 1170 -8.07 2.65 -9.35
N PHE A 1171 -7.83 3.10 -8.11
CA PHE A 1171 -6.84 4.16 -7.90
C PHE A 1171 -5.47 3.72 -8.40
N SER A 1172 -5.12 2.46 -8.16
CA SER A 1172 -3.84 1.93 -8.62
C SER A 1172 -3.75 1.96 -10.15
N GLU A 1173 -4.71 1.32 -10.82
CA GLU A 1173 -4.64 1.19 -12.27
C GLU A 1173 -4.78 2.52 -12.98
N THR A 1174 -5.42 3.52 -12.35
CA THR A 1174 -5.45 4.85 -12.95
C THR A 1174 -4.14 5.59 -12.69
N ALA A 1175 -3.56 5.44 -11.51
CA ALA A 1175 -2.27 6.07 -11.25
C ALA A 1175 -1.22 5.58 -12.24
N GLU A 1176 -1.10 4.26 -12.38
CA GLU A 1176 -0.27 3.68 -13.43
C GLU A 1176 -1.01 3.78 -14.76
N GLY A 1177 -0.25 3.83 -15.85
CA GLY A 1177 -0.86 4.00 -17.16
C GLY A 1177 -1.67 5.26 -17.25
N LEU A 1178 -1.29 6.31 -16.51
CA LEU A 1178 -1.99 7.58 -16.60
C LEU A 1178 -1.92 8.14 -18.01
N THR A 1179 -0.77 8.00 -18.65
CA THR A 1179 -0.59 8.54 -19.99
C THR A 1179 -1.57 7.91 -20.97
N THR A 1180 -1.88 6.63 -20.80
CA THR A 1180 -2.83 5.97 -21.68
C THR A 1180 -4.24 6.53 -21.51
N ILE A 1181 -4.67 6.68 -20.24
CA ILE A 1181 -6.00 7.23 -19.98
C ILE A 1181 -6.12 8.62 -20.57
N ARG A 1182 -5.07 9.43 -20.42
CA ARG A 1182 -5.11 10.79 -20.94
C ARG A 1182 -4.84 10.86 -22.43
N ALA A 1183 -4.34 9.78 -23.04
CA ALA A 1183 -4.18 9.73 -24.49
C ALA A 1183 -5.52 9.40 -25.16
N PHE A 1184 -6.24 8.41 -24.62
CA PHE A 1184 -7.58 8.15 -25.12
C PHE A 1184 -8.58 9.22 -24.69
N ARG A 1185 -8.18 10.12 -23.78
CA ARG A 1185 -9.06 11.17 -23.27
C ARG A 1185 -10.31 10.58 -22.62
N HIS A 1186 -10.15 9.45 -21.95
CA HIS A 1186 -11.23 8.80 -21.23
C HIS A 1186 -11.29 9.23 -19.76
N GLU A 1187 -10.81 10.44 -19.45
CA GLU A 1187 -10.74 10.86 -18.06
C GLU A 1187 -12.13 10.94 -17.43
N THR A 1188 -13.13 11.38 -18.21
CA THR A 1188 -14.48 11.53 -17.68
C THR A 1188 -15.06 10.19 -17.24
N ARG A 1189 -14.91 9.16 -18.07
CA ARG A 1189 -15.43 7.84 -17.74
C ARG A 1189 -14.78 7.29 -16.48
N PHE A 1190 -13.48 7.50 -16.34
CA PHE A 1190 -12.78 7.01 -15.15
C PHE A 1190 -13.18 7.80 -13.91
N LYS A 1191 -13.39 9.10 -14.04
CA LYS A 1191 -13.94 9.86 -12.93
C LYS A 1191 -15.28 9.30 -12.50
N GLN A 1192 -16.13 8.96 -13.48
CA GLN A 1192 -17.45 8.39 -13.15
C GLN A 1192 -17.31 7.05 -12.45
N ARG A 1193 -16.41 6.19 -12.94
CA ARG A 1193 -16.20 4.90 -12.28
C ARG A 1193 -15.73 5.10 -10.84
N MET A 1194 -14.80 6.03 -10.63
CA MET A 1194 -14.34 6.31 -9.27
C MET A 1194 -15.49 6.79 -8.40
N LEU A 1195 -16.33 7.68 -8.93
CA LEU A 1195 -17.43 8.21 -8.14
C LEU A 1195 -18.40 7.09 -7.75
N GLU A 1196 -18.73 6.20 -8.68
CA GLU A 1196 -19.67 5.13 -8.36
C GLU A 1196 -19.06 4.13 -7.38
N LEU A 1197 -17.76 3.81 -7.56
CA LEU A 1197 -17.12 2.87 -6.65
C LEU A 1197 -17.04 3.44 -5.24
N THR A 1198 -16.68 4.73 -5.12
CA THR A 1198 -16.61 5.33 -3.80
C THR A 1198 -18.00 5.46 -3.18
N ASP A 1199 -19.03 5.67 -4.00
CA ASP A 1199 -20.39 5.65 -3.47
C ASP A 1199 -20.74 4.29 -2.91
N THR A 1200 -20.37 3.21 -3.63
CA THR A 1200 -20.64 1.87 -3.14
C THR A 1200 -19.91 1.61 -1.83
N ASN A 1201 -18.63 1.98 -1.76
CA ASN A 1201 -17.85 1.77 -0.55
C ASN A 1201 -18.44 2.57 0.61
N ASN A 1202 -18.90 3.80 0.33
CA ASN A 1202 -19.50 4.62 1.38
C ASN A 1202 -20.81 4.02 1.85
N ILE A 1203 -21.59 3.43 0.95
CA ILE A 1203 -22.81 2.74 1.37
C ILE A 1203 -22.47 1.61 2.32
N ALA A 1204 -21.45 0.82 1.97
CA ALA A 1204 -21.06 -0.29 2.83
C ALA A 1204 -20.62 0.20 4.21
N TYR A 1205 -19.75 1.21 4.23
CA TYR A 1205 -19.28 1.72 5.51
C TYR A 1205 -20.41 2.38 6.30
N LEU A 1206 -21.38 2.97 5.61
CA LEU A 1206 -22.53 3.55 6.28
C LEU A 1206 -23.36 2.48 6.97
N PHE A 1207 -23.57 1.35 6.30
CA PHE A 1207 -24.27 0.25 6.96
C PHE A 1207 -23.49 -0.27 8.16
N LEU A 1208 -22.17 -0.38 8.03
CA LEU A 1208 -21.36 -0.83 9.16
C LEU A 1208 -21.51 0.13 10.35
N SER A 1209 -21.43 1.43 10.08
CA SER A 1209 -21.59 2.41 11.15
C SER A 1209 -22.99 2.38 11.74
N ALA A 1210 -24.01 2.10 10.93
CA ALA A 1210 -25.37 1.98 11.46
C ALA A 1210 -25.46 0.78 12.41
N ALA A 1211 -24.83 -0.34 12.05
CA ALA A 1211 -24.80 -1.48 12.98
C ALA A 1211 -24.10 -1.09 14.28
N ASN A 1212 -22.99 -0.36 14.17
CA ASN A 1212 -22.31 0.11 15.38
C ASN A 1212 -23.24 0.96 16.24
N ARG A 1213 -24.01 1.85 15.61
CA ARG A 1213 -24.96 2.67 16.35
C ARG A 1213 -26.01 1.80 17.03
N TRP A 1214 -26.50 0.77 16.32
CA TRP A 1214 -27.48 -0.13 16.94
C TRP A 1214 -26.93 -0.71 18.22
N LEU A 1215 -25.74 -1.30 18.15
CA LEU A 1215 -25.20 -1.95 19.35
C LEU A 1215 -24.91 -0.94 20.44
N GLU A 1216 -24.40 0.23 20.07
CA GLU A 1216 -24.12 1.25 21.08
C GLU A 1216 -25.39 1.66 21.81
N VAL A 1217 -26.48 1.87 21.08
CA VAL A 1217 -27.74 2.25 21.73
C VAL A 1217 -28.21 1.14 22.65
N ARG A 1218 -28.19 -0.10 22.16
CA ARG A 1218 -28.70 -1.21 22.97
C ARG A 1218 -27.90 -1.35 24.26
N THR A 1219 -26.57 -1.31 24.15
CA THR A 1219 -25.74 -1.50 25.34
C THR A 1219 -25.83 -0.32 26.29
N ASP A 1220 -25.98 0.90 25.78
CA ASP A 1220 -26.16 2.05 26.65
C ASP A 1220 -27.47 1.96 27.41
N TYR A 1221 -28.55 1.53 26.75
CA TYR A 1221 -29.80 1.33 27.48
C TYR A 1221 -29.69 0.20 28.50
N LEU A 1222 -28.92 -0.85 28.18
CA LEU A 1222 -28.66 -1.90 29.17
C LEU A 1222 -27.93 -1.32 30.39
N GLY A 1223 -26.94 -0.46 30.15
CA GLY A 1223 -26.25 0.18 31.26
C GLY A 1223 -27.15 1.08 32.07
N ALA A 1224 -28.06 1.80 31.42
CA ALA A 1224 -29.03 2.61 32.15
C ALA A 1224 -29.92 1.74 33.03
N CYS A 1225 -30.36 0.59 32.50
CA CYS A 1225 -31.11 -0.35 33.32
C CYS A 1225 -30.28 -0.81 34.51
N ILE A 1226 -29.00 -1.07 34.29
CA ILE A 1226 -28.12 -1.47 35.39
C ILE A 1226 -28.09 -0.38 36.45
N VAL A 1227 -27.96 0.87 36.02
CA VAL A 1227 -27.90 1.98 36.97
C VAL A 1227 -29.18 2.04 37.79
N LEU A 1228 -30.33 1.94 37.13
CA LEU A 1228 -31.60 2.04 37.84
C LEU A 1228 -31.75 0.91 38.85
N THR A 1229 -31.50 -0.32 38.41
CA THR A 1229 -31.64 -1.46 39.31
C THR A 1229 -30.68 -1.35 40.49
N ALA A 1230 -29.44 -0.95 40.22
CA ALA A 1230 -28.45 -0.83 41.29
C ALA A 1230 -28.85 0.26 42.28
N SER A 1231 -29.35 1.38 41.78
CA SER A 1231 -29.75 2.46 42.68
C SER A 1231 -30.90 2.00 43.58
N ILE A 1232 -31.91 1.35 43.01
CA ILE A 1232 -33.02 0.87 43.82
C ILE A 1232 -32.53 -0.13 44.86
N ALA A 1233 -31.70 -1.09 44.42
CA ALA A 1233 -31.23 -2.13 45.33
C ALA A 1233 -30.39 -1.55 46.45
N SER A 1234 -29.53 -0.57 46.13
CA SER A 1234 -28.71 0.06 47.16
C SER A 1234 -29.57 0.86 48.13
N ILE A 1235 -30.57 1.56 47.63
CA ILE A 1235 -31.44 2.33 48.51
C ILE A 1235 -32.17 1.41 49.48
N SER A 1236 -32.59 0.24 48.99
CA SER A 1236 -33.49 -0.59 49.79
C SER A 1236 -32.77 -1.63 50.64
N GLY A 1237 -31.60 -2.11 50.23
CA GLY A 1237 -31.00 -3.26 50.88
C GLY A 1237 -29.52 -3.22 51.15
N SER A 1238 -28.98 -2.05 51.45
CA SER A 1238 -27.57 -1.91 51.81
C SER A 1238 -27.44 -1.65 53.31
N SER A 1239 -26.31 -2.06 53.87
CA SER A 1239 -26.11 -1.97 55.31
C SER A 1239 -25.78 -0.55 55.75
N ASN A 1240 -24.67 0.00 55.25
CA ASN A 1240 -24.18 1.30 55.67
C ASN A 1240 -24.54 2.37 54.66
N SER A 1241 -24.69 3.60 55.15
CA SER A 1241 -24.95 4.73 54.25
C SER A 1241 -23.78 4.97 53.31
N GLY A 1242 -22.56 4.67 53.75
CA GLY A 1242 -21.42 4.79 52.88
C GLY A 1242 -21.46 3.85 51.70
N LEU A 1243 -21.99 2.63 51.90
CA LEU A 1243 -22.00 1.65 50.83
C LEU A 1243 -22.91 2.08 49.68
N VAL A 1244 -24.06 2.67 49.98
CA VAL A 1244 -24.98 3.05 48.91
C VAL A 1244 -24.32 4.07 47.99
N GLY A 1245 -23.55 4.99 48.57
CA GLY A 1245 -22.87 5.99 47.74
C GLY A 1245 -21.89 5.36 46.77
N LEU A 1246 -21.06 4.43 47.26
CA LEU A 1246 -20.11 3.75 46.39
C LEU A 1246 -20.85 2.99 45.30
N GLY A 1247 -21.90 2.25 45.67
CA GLY A 1247 -22.63 1.49 44.68
C GLY A 1247 -23.21 2.38 43.60
N LEU A 1248 -23.85 3.48 43.99
CA LEU A 1248 -24.44 4.39 43.01
C LEU A 1248 -23.37 4.99 42.10
N LEU A 1249 -22.26 5.44 42.69
CA LEU A 1249 -21.26 6.13 41.89
C LEU A 1249 -20.60 5.20 40.89
N TYR A 1250 -20.43 3.93 41.25
CA TYR A 1250 -19.90 2.96 40.27
C TYR A 1250 -20.96 2.52 39.27
N ALA A 1251 -22.24 2.54 39.67
CA ALA A 1251 -23.30 2.30 38.71
C ALA A 1251 -23.26 3.34 37.61
N LEU A 1252 -23.05 4.61 37.97
CA LEU A 1252 -22.89 5.64 36.97
C LEU A 1252 -21.77 5.31 35.97
N THR A 1253 -20.68 4.72 36.47
CA THR A 1253 -19.48 4.49 35.67
C THR A 1253 -19.64 3.33 34.69
N ILE A 1254 -20.35 2.29 35.12
CA ILE A 1254 -20.53 1.11 34.28
C ILE A 1254 -21.10 1.51 32.92
N THR A 1255 -22.02 2.47 32.92
CA THR A 1255 -22.68 2.86 31.68
C THR A 1255 -21.67 3.31 30.64
N ASN A 1256 -20.77 4.22 31.02
CA ASN A 1256 -19.81 4.73 30.05
C ASN A 1256 -18.85 3.64 29.61
N TYR A 1257 -18.33 2.85 30.54
CA TYR A 1257 -17.23 1.97 30.16
C TYR A 1257 -17.68 0.67 29.48
N LEU A 1258 -18.94 0.26 29.65
CA LEU A 1258 -19.43 -0.93 28.97
C LEU A 1258 -19.42 -0.75 27.45
N ASN A 1259 -19.85 0.42 26.99
CA ASN A 1259 -19.84 0.70 25.55
C ASN A 1259 -18.44 0.54 24.98
N TRP A 1260 -17.43 1.07 25.68
CA TRP A 1260 -16.05 0.94 25.22
C TRP A 1260 -15.63 -0.52 25.19
N VAL A 1261 -15.99 -1.29 26.23
CA VAL A 1261 -15.63 -2.70 26.23
C VAL A 1261 -16.16 -3.36 24.96
N VAL A 1262 -17.43 -3.14 24.65
CA VAL A 1262 -18.05 -3.80 23.50
C VAL A 1262 -17.38 -3.38 22.20
N ARG A 1263 -17.24 -2.06 21.99
CA ARG A 1263 -16.70 -1.55 20.75
C ARG A 1263 -15.27 -2.02 20.52
N ASN A 1264 -14.44 -1.92 21.55
CA ASN A 1264 -13.05 -2.32 21.43
C ASN A 1264 -12.91 -3.83 21.24
N LEU A 1265 -13.81 -4.62 21.84
CA LEU A 1265 -13.76 -6.05 21.59
C LEU A 1265 -14.01 -6.36 20.12
N ALA A 1266 -15.04 -5.74 19.54
CA ALA A 1266 -15.29 -5.97 18.12
C ALA A 1266 -14.10 -5.54 17.25
N ASP A 1267 -13.53 -4.37 17.56
CA ASP A 1267 -12.39 -3.89 16.80
C ASP A 1267 -11.20 -4.84 16.94
N LEU A 1268 -10.96 -5.38 18.13
CA LEU A 1268 -9.86 -6.32 18.32
C LEU A 1268 -10.07 -7.58 17.49
N GLU A 1269 -11.33 -8.06 17.41
CA GLU A 1269 -11.60 -9.21 16.56
C GLU A 1269 -11.18 -8.93 15.11
N VAL A 1270 -11.70 -7.82 14.56
CA VAL A 1270 -11.42 -7.56 13.14
C VAL A 1270 -9.93 -7.35 12.93
N GLN A 1271 -9.24 -6.78 13.91
CA GLN A 1271 -7.80 -6.53 13.77
C GLN A 1271 -6.97 -7.80 13.92
N MET A 1272 -7.41 -8.76 14.75
CA MET A 1272 -6.71 -10.04 14.84
C MET A 1272 -6.82 -10.84 13.55
N GLY A 1273 -7.85 -10.55 12.72
CA GLY A 1273 -7.91 -11.17 11.38
C GLY A 1273 -6.60 -11.03 10.61
N ALA A 1274 -5.96 -9.87 10.71
CA ALA A 1274 -4.74 -9.65 9.91
C ALA A 1274 -3.57 -10.47 10.43
N VAL A 1275 -3.45 -10.58 11.74
CA VAL A 1275 -2.48 -11.49 12.33
C VAL A 1275 -2.73 -12.90 11.82
N LYS A 1276 -4.01 -13.26 11.68
CA LYS A 1276 -4.33 -14.57 11.13
C LYS A 1276 -3.76 -14.72 9.73
N LYS A 1277 -3.82 -13.68 8.90
CA LYS A 1277 -3.33 -13.76 7.52
C LYS A 1277 -1.84 -13.75 7.41
N VAL A 1278 -1.18 -12.86 8.14
CA VAL A 1278 0.25 -12.78 8.10
C VAL A 1278 0.84 -14.07 8.60
N ASN A 1279 0.28 -14.63 9.66
CA ASN A 1279 0.76 -15.91 10.13
C ASN A 1279 0.50 -16.99 9.11
N SER A 1280 -0.52 -16.85 8.29
CA SER A 1280 -0.86 -17.88 7.32
C SER A 1280 0.27 -18.13 6.38
N PHE A 1281 0.94 -17.08 5.96
CA PHE A 1281 2.05 -17.22 5.02
C PHE A 1281 3.17 -17.99 5.63
N LEU A 1282 3.22 -18.05 6.94
CA LEU A 1282 4.21 -18.91 7.53
C LEU A 1282 3.92 -20.36 7.23
N THR A 1283 2.83 -20.67 6.52
CA THR A 1283 2.68 -22.09 6.20
C THR A 1283 3.25 -22.47 4.84
N MET A 1284 3.70 -21.50 4.06
CA MET A 1284 4.06 -21.77 2.67
C MET A 1284 5.09 -22.89 2.51
N GLU A 1285 5.14 -23.49 1.31
CA GLU A 1285 6.24 -24.35 0.92
C GLU A 1285 7.48 -23.50 0.63
N SER A 1286 8.64 -24.04 0.97
CA SER A 1286 9.91 -23.32 0.83
C SER A 1286 10.85 -24.11 -0.06
N GLU A 1287 11.55 -23.39 -0.96
CA GLU A 1287 12.46 -24.03 -1.89
C GLU A 1287 13.61 -24.69 -1.15
N ASN A 1288 14.10 -25.79 -1.70
CA ASN A 1288 15.13 -26.61 -1.06
C ASN A 1288 16.49 -26.03 -1.36
N TYR A 1289 17.03 -25.22 -0.44
CA TYR A 1289 18.36 -24.66 -0.58
C TYR A 1289 19.45 -25.57 -0.02
N GLU A 1290 19.07 -26.66 0.65
CA GLU A 1290 20.05 -27.47 1.39
C GLU A 1290 21.14 -27.99 0.45
N GLY A 1291 20.76 -28.86 -0.47
CA GLY A 1291 21.73 -29.42 -1.40
C GLY A 1291 22.40 -30.66 -0.85
N THR A 1292 22.36 -31.76 -1.60
CA THR A 1292 22.94 -33.01 -1.12
C THR A 1292 24.47 -33.03 -1.26
N MET A 1293 24.99 -32.46 -2.36
CA MET A 1293 26.42 -32.52 -2.62
C MET A 1293 27.21 -31.89 -1.47
N ASP A 1294 28.28 -32.55 -1.06
CA ASP A 1294 29.10 -32.04 0.03
C ASP A 1294 29.88 -30.81 -0.44
N PRO A 1295 30.06 -29.82 0.43
CA PRO A 1295 30.86 -28.65 0.02
C PRO A 1295 32.26 -29.00 -0.42
N SER A 1296 32.88 -30.01 0.20
CA SER A 1296 34.22 -30.41 -0.20
C SER A 1296 34.24 -30.93 -1.64
N GLN A 1297 33.15 -31.58 -2.06
CA GLN A 1297 33.10 -32.07 -3.44
C GLN A 1297 33.12 -30.93 -4.44
N VAL A 1298 32.51 -29.80 -4.12
CA VAL A 1298 32.46 -28.66 -5.05
C VAL A 1298 33.82 -27.98 -5.07
N PRO A 1299 34.43 -27.78 -6.25
CA PRO A 1299 35.72 -27.08 -6.29
C PRO A 1299 35.56 -25.60 -5.98
N GLU A 1300 36.71 -24.92 -5.86
CA GLU A 1300 36.67 -23.48 -5.65
C GLU A 1300 36.24 -22.73 -6.90
N HIS A 1301 36.63 -23.21 -8.08
CA HIS A 1301 36.20 -22.68 -9.37
C HIS A 1301 35.39 -23.80 -10.03
N TRP A 1302 34.09 -23.89 -9.73
CA TRP A 1302 33.31 -25.02 -10.22
C TRP A 1302 33.11 -24.94 -11.74
N PRO A 1303 32.55 -23.85 -12.31
CA PRO A 1303 32.39 -23.74 -13.76
C PRO A 1303 33.69 -23.32 -14.46
N GLN A 1304 34.80 -23.99 -14.12
CA GLN A 1304 36.10 -23.59 -14.63
C GLN A 1304 36.17 -23.72 -16.15
N GLU A 1305 35.59 -24.79 -16.69
CA GLU A 1305 35.61 -25.01 -18.13
C GLU A 1305 34.37 -24.43 -18.81
N GLY A 1306 33.19 -24.71 -18.25
CA GLY A 1306 31.95 -24.21 -18.80
C GLY A 1306 31.17 -25.22 -19.63
N GLU A 1307 31.69 -26.43 -19.80
CA GLU A 1307 30.97 -27.44 -20.57
C GLU A 1307 29.72 -27.90 -19.83
N ILE A 1308 28.63 -28.07 -20.57
CA ILE A 1308 27.37 -28.57 -20.03
C ILE A 1308 26.92 -29.76 -20.86
N LYS A 1309 26.39 -30.78 -20.20
CA LYS A 1309 25.75 -31.91 -20.86
C LYS A 1309 24.34 -32.05 -20.32
N ILE A 1310 23.35 -31.99 -21.21
CA ILE A 1310 21.95 -32.14 -20.86
C ILE A 1310 21.50 -33.50 -21.35
N HIS A 1311 21.04 -34.34 -20.43
CA HIS A 1311 20.72 -35.74 -20.71
C HIS A 1311 19.25 -35.99 -20.42
N ASP A 1312 18.44 -36.12 -21.47
CA ASP A 1312 17.04 -36.51 -21.36
C ASP A 1312 16.27 -35.58 -20.42
N LEU A 1313 16.54 -34.29 -20.53
CA LEU A 1313 15.86 -33.31 -19.69
C LEU A 1313 14.39 -33.19 -20.09
N CYS A 1314 13.50 -33.27 -19.11
CA CYS A 1314 12.07 -33.05 -19.29
C CYS A 1314 11.57 -32.22 -18.13
N VAL A 1315 10.88 -31.12 -18.43
CA VAL A 1315 10.59 -30.09 -17.43
C VAL A 1315 9.12 -29.69 -17.52
N ARG A 1316 8.55 -29.41 -16.35
CA ARG A 1316 7.20 -28.86 -16.23
C ARG A 1316 7.17 -27.90 -15.04
N TYR A 1317 6.20 -26.99 -15.06
CA TYR A 1317 6.13 -25.95 -14.04
C TYR A 1317 5.39 -26.40 -12.78
N GLU A 1318 4.25 -27.08 -12.94
CA GLU A 1318 3.52 -27.63 -11.81
C GLU A 1318 3.15 -29.07 -12.12
N ASN A 1319 3.01 -29.87 -11.06
CA ASN A 1319 2.65 -31.27 -11.25
C ASN A 1319 1.29 -31.38 -11.93
N ASN A 1320 1.15 -32.40 -12.78
CA ASN A 1320 -0.05 -32.62 -13.57
C ASN A 1320 -0.29 -31.51 -14.60
N LEU A 1321 0.78 -30.93 -15.12
CA LEU A 1321 0.72 -30.00 -16.24
C LEU A 1321 1.52 -30.55 -17.41
N LYS A 1322 1.39 -29.89 -18.56
CA LYS A 1322 2.04 -30.36 -19.77
C LYS A 1322 3.56 -30.27 -19.62
N PRO A 1323 4.32 -31.32 -19.97
CA PRO A 1323 5.78 -31.17 -20.01
C PRO A 1323 6.21 -30.22 -21.12
N VAL A 1324 6.79 -29.07 -20.74
CA VAL A 1324 7.13 -28.07 -21.75
C VAL A 1324 8.41 -28.46 -22.49
N LEU A 1325 9.29 -29.23 -21.85
CA LEU A 1325 10.46 -29.80 -22.51
C LEU A 1325 10.29 -31.31 -22.61
N LYS A 1326 10.78 -31.89 -23.72
CA LYS A 1326 10.53 -33.30 -24.04
C LYS A 1326 11.83 -33.96 -24.50
N HIS A 1327 12.51 -34.59 -23.55
CA HIS A 1327 13.67 -35.45 -23.85
C HIS A 1327 14.72 -34.71 -24.67
N VAL A 1328 14.98 -33.46 -24.30
CA VAL A 1328 16.01 -32.68 -25.01
C VAL A 1328 17.39 -33.20 -24.59
N LYS A 1329 18.29 -33.30 -25.57
CA LYS A 1329 19.67 -33.71 -25.34
C LYS A 1329 20.60 -32.63 -25.90
N ALA A 1330 21.69 -32.37 -25.19
CA ALA A 1330 22.61 -31.32 -25.59
C ALA A 1330 24.02 -31.64 -25.09
N TYR A 1331 25.01 -31.10 -25.81
CA TYR A 1331 26.42 -31.23 -25.41
C TYR A 1331 27.14 -29.99 -25.91
N ILE A 1332 27.24 -28.98 -25.04
CA ILE A 1332 27.92 -27.73 -25.37
C ILE A 1332 29.35 -27.82 -24.84
N LYS A 1333 30.31 -27.62 -25.71
CA LYS A 1333 31.72 -27.75 -25.36
C LYS A 1333 32.18 -26.56 -24.52
N PRO A 1334 33.22 -26.74 -23.70
CA PRO A 1334 33.77 -25.60 -22.96
C PRO A 1334 34.30 -24.54 -23.93
N GLY A 1335 33.97 -23.28 -23.65
CA GLY A 1335 34.29 -22.22 -24.57
C GLY A 1335 33.57 -22.36 -25.89
N GLN A 1336 32.25 -22.46 -25.84
CA GLN A 1336 31.41 -22.65 -27.01
C GLN A 1336 30.35 -21.56 -27.05
N LYS A 1337 30.10 -21.03 -28.26
CA LYS A 1337 29.09 -20.00 -28.47
C LYS A 1337 27.90 -20.65 -29.14
N VAL A 1338 26.84 -20.89 -28.35
CA VAL A 1338 25.64 -21.58 -28.83
C VAL A 1338 24.55 -20.57 -29.10
N GLY A 1339 23.70 -20.87 -30.08
CA GLY A 1339 22.55 -20.04 -30.38
C GLY A 1339 21.27 -20.85 -30.48
N ILE A 1340 20.29 -20.53 -29.62
CA ILE A 1340 19.03 -21.24 -29.56
C ILE A 1340 17.94 -20.32 -30.11
N CYS A 1341 17.15 -20.84 -31.05
CA CYS A 1341 16.10 -20.07 -31.69
C CYS A 1341 14.83 -20.90 -31.77
N GLY A 1342 13.73 -20.24 -32.10
CA GLY A 1342 12.45 -20.90 -32.24
C GLY A 1342 11.31 -19.93 -32.13
N ARG A 1343 10.11 -20.47 -32.26
CA ARG A 1343 8.88 -19.69 -32.14
C ARG A 1343 8.46 -19.62 -30.67
N THR A 1344 7.74 -18.55 -30.33
CA THR A 1344 7.25 -18.38 -28.98
C THR A 1344 6.46 -19.61 -28.54
N GLY A 1345 6.74 -20.05 -27.31
CA GLY A 1345 6.16 -21.28 -26.82
C GLY A 1345 6.93 -22.53 -27.15
N SER A 1346 8.13 -22.40 -27.69
CA SER A 1346 8.98 -23.55 -28.00
C SER A 1346 9.79 -24.03 -26.81
N GLY A 1347 9.75 -23.32 -25.68
CA GLY A 1347 10.43 -23.78 -24.49
C GLY A 1347 11.88 -23.35 -24.38
N LYS A 1348 12.31 -22.38 -25.17
CA LYS A 1348 13.68 -21.87 -25.02
C LYS A 1348 13.92 -21.35 -23.60
N SER A 1349 12.96 -20.57 -23.09
CA SER A 1349 13.14 -19.97 -21.76
C SER A 1349 13.00 -21.02 -20.66
N SER A 1350 12.21 -22.07 -20.90
CA SER A 1350 12.18 -23.19 -19.97
C SER A 1350 13.56 -23.86 -19.89
N LEU A 1351 14.19 -24.09 -21.05
CA LEU A 1351 15.52 -24.68 -21.05
C LEU A 1351 16.52 -23.76 -20.37
N SER A 1352 16.35 -22.46 -20.54
CA SER A 1352 17.25 -21.51 -19.87
C SER A 1352 17.10 -21.60 -18.35
N LEU A 1353 15.87 -21.49 -17.86
CA LEU A 1353 15.64 -21.52 -16.42
C LEU A 1353 15.95 -22.88 -15.81
N ALA A 1354 16.04 -23.93 -16.64
CA ALA A 1354 16.37 -25.25 -16.09
C ALA A 1354 17.75 -25.24 -15.42
N PHE A 1355 18.71 -24.50 -15.98
CA PHE A 1355 20.05 -24.50 -15.40
C PHE A 1355 20.04 -24.00 -13.96
N PHE A 1356 19.15 -23.06 -13.63
CA PHE A 1356 19.06 -22.49 -12.29
C PHE A 1356 18.00 -23.18 -11.44
N ARG A 1357 17.44 -24.28 -11.92
CA ARG A 1357 16.45 -25.06 -11.18
C ARG A 1357 15.27 -24.19 -10.74
N MET A 1358 14.85 -23.28 -11.62
CA MET A 1358 13.61 -22.54 -11.44
C MET A 1358 12.41 -23.25 -12.05
N VAL A 1359 12.64 -24.33 -12.80
CA VAL A 1359 11.58 -25.16 -13.35
C VAL A 1359 11.82 -26.59 -12.89
N ASP A 1360 10.78 -27.24 -12.39
CA ASP A 1360 10.92 -28.58 -11.84
C ASP A 1360 11.27 -29.58 -12.94
N ILE A 1361 12.25 -30.44 -12.67
CA ILE A 1361 12.72 -31.42 -13.64
C ILE A 1361 12.14 -32.78 -13.25
N PHE A 1362 11.31 -33.34 -14.13
CA PHE A 1362 10.81 -34.69 -13.90
C PHE A 1362 11.95 -35.71 -14.00
N ASP A 1363 12.58 -35.79 -15.18
CA ASP A 1363 13.71 -36.68 -15.41
C ASP A 1363 14.78 -35.93 -16.21
N GLY A 1364 16.03 -36.26 -15.97
CA GLY A 1364 17.14 -35.73 -16.74
C GLY A 1364 18.29 -35.30 -15.85
N LYS A 1365 19.36 -34.89 -16.53
CA LYS A 1365 20.54 -34.37 -15.90
C LYS A 1365 21.05 -33.13 -16.62
N ILE A 1366 21.61 -32.20 -15.85
CA ILE A 1366 22.34 -31.05 -16.37
C ILE A 1366 23.70 -31.06 -15.68
N VAL A 1367 24.71 -31.56 -16.37
CA VAL A 1367 26.04 -31.77 -15.80
C VAL A 1367 26.91 -30.60 -16.25
N ILE A 1368 27.17 -29.66 -15.34
CA ILE A 1368 28.00 -28.50 -15.61
C ILE A 1368 29.34 -28.73 -14.91
N ASP A 1369 30.39 -28.92 -15.72
CA ASP A 1369 31.74 -29.17 -15.20
C ASP A 1369 31.80 -30.45 -14.37
N GLY A 1370 30.98 -31.44 -14.73
CA GLY A 1370 31.05 -32.74 -14.09
C GLY A 1370 30.23 -32.91 -12.83
N ILE A 1371 29.40 -31.93 -12.47
CA ILE A 1371 28.56 -32.01 -11.30
C ILE A 1371 27.10 -31.85 -11.73
N ASP A 1372 26.25 -32.78 -11.29
CA ASP A 1372 24.82 -32.66 -11.51
C ASP A 1372 24.29 -31.50 -10.68
N ILE A 1373 23.70 -30.50 -11.34
CA ILE A 1373 23.25 -29.31 -10.64
C ILE A 1373 22.21 -29.65 -9.58
N SER A 1374 21.49 -30.76 -9.73
CA SER A 1374 20.50 -31.15 -8.74
C SER A 1374 21.13 -31.40 -7.38
N LYS A 1375 22.38 -31.88 -7.36
CA LYS A 1375 23.02 -32.19 -6.09
C LYS A 1375 23.51 -30.93 -5.37
N LEU A 1376 23.97 -29.94 -6.11
CA LEU A 1376 24.58 -28.77 -5.50
C LEU A 1376 23.56 -27.97 -4.69
N PRO A 1377 24.01 -27.22 -3.69
CA PRO A 1377 23.12 -26.23 -3.06
C PRO A 1377 22.61 -25.25 -4.11
N LEU A 1378 21.40 -24.72 -3.86
CA LEU A 1378 20.78 -23.84 -4.83
C LEU A 1378 21.60 -22.58 -5.05
N HIS A 1379 22.19 -22.02 -4.00
CA HIS A 1379 22.86 -20.73 -4.13
C HIS A 1379 24.23 -20.83 -4.79
N THR A 1380 24.94 -21.95 -4.60
CA THR A 1380 26.19 -22.11 -5.34
C THR A 1380 25.92 -22.28 -6.83
N LEU A 1381 24.79 -22.91 -7.18
CA LEU A 1381 24.43 -23.04 -8.58
C LEU A 1381 24.00 -21.70 -9.17
N ARG A 1382 23.14 -20.97 -8.46
CA ARG A 1382 22.56 -19.75 -8.99
C ARG A 1382 23.51 -18.55 -8.90
N SER A 1383 24.62 -18.66 -8.18
CA SER A 1383 25.57 -17.55 -8.06
C SER A 1383 26.74 -17.66 -9.02
N ARG A 1384 27.06 -18.86 -9.50
CA ARG A 1384 28.18 -19.08 -10.39
C ARG A 1384 27.77 -19.12 -11.86
N LEU A 1385 26.49 -18.89 -12.17
CA LEU A 1385 26.00 -18.80 -13.54
C LEU A 1385 25.24 -17.50 -13.69
N SER A 1386 25.37 -16.86 -14.85
CA SER A 1386 24.75 -15.58 -15.13
C SER A 1386 23.72 -15.71 -16.24
N ILE A 1387 22.61 -15.00 -16.08
CA ILE A 1387 21.52 -15.02 -17.06
C ILE A 1387 21.00 -13.61 -17.26
N ILE A 1388 20.67 -13.27 -18.50
CA ILE A 1388 20.08 -11.97 -18.85
C ILE A 1388 18.65 -12.24 -19.31
N LEU A 1389 17.69 -11.83 -18.50
CA LEU A 1389 16.29 -12.04 -18.84
C LEU A 1389 15.81 -11.00 -19.85
N GLN A 1390 14.71 -11.32 -20.52
CA GLN A 1390 14.20 -10.45 -21.57
C GLN A 1390 13.63 -9.15 -21.00
N ASP A 1391 12.81 -9.27 -19.95
CA ASP A 1391 12.15 -8.10 -19.36
C ASP A 1391 13.07 -7.45 -18.34
N PRO A 1392 13.49 -6.20 -18.55
CA PRO A 1392 14.45 -5.59 -17.61
C PRO A 1392 13.80 -5.29 -16.25
N ILE A 1393 14.43 -5.77 -15.19
CA ILE A 1393 14.01 -5.52 -13.81
C ILE A 1393 15.09 -4.69 -13.15
N LEU A 1394 14.81 -3.40 -12.93
CA LEU A 1394 15.80 -2.46 -12.43
C LEU A 1394 15.30 -1.83 -11.14
N PHE A 1395 16.13 -1.89 -10.10
CA PHE A 1395 15.75 -1.43 -8.77
C PHE A 1395 16.11 0.04 -8.59
N SER A 1396 15.54 0.62 -7.53
CA SER A 1396 15.78 2.03 -7.23
C SER A 1396 17.06 2.20 -6.45
N GLY A 1397 17.77 3.31 -6.72
CA GLY A 1397 19.04 3.58 -6.10
C GLY A 1397 20.02 4.17 -7.08
N SER A 1398 21.32 4.00 -6.83
CA SER A 1398 22.33 4.45 -7.76
C SER A 1398 22.57 3.41 -8.86
N ILE A 1399 23.38 3.79 -9.84
CA ILE A 1399 23.83 2.82 -10.83
C ILE A 1399 24.64 1.72 -10.14
N ARG A 1400 25.43 2.09 -9.13
CA ARG A 1400 26.21 1.11 -8.40
C ARG A 1400 25.31 0.05 -7.78
N PHE A 1401 24.23 0.48 -7.11
CA PHE A 1401 23.38 -0.47 -6.40
C PHE A 1401 22.84 -1.53 -7.35
N ASN A 1402 22.35 -1.11 -8.52
CA ASN A 1402 21.87 -2.08 -9.49
C ASN A 1402 23.00 -2.96 -10.01
N LEU A 1403 24.17 -2.37 -10.28
CA LEU A 1403 25.25 -3.16 -10.87
C LEU A 1403 25.88 -4.11 -9.85
N ASP A 1404 26.08 -3.66 -8.61
CA ASP A 1404 26.63 -4.52 -7.56
C ASP A 1404 26.02 -4.13 -6.23
N PRO A 1405 24.92 -4.78 -5.83
CA PRO A 1405 24.31 -4.47 -4.53
C PRO A 1405 25.26 -4.71 -3.36
N GLU A 1406 26.13 -5.73 -3.46
CA GLU A 1406 27.05 -6.05 -2.37
C GLU A 1406 28.18 -5.06 -2.22
N CYS A 1407 28.39 -4.18 -3.21
CA CYS A 1407 29.50 -3.23 -3.20
C CYS A 1407 30.84 -3.95 -3.09
N LYS A 1408 30.94 -5.12 -3.70
CA LYS A 1408 32.16 -5.91 -3.69
C LYS A 1408 32.98 -5.74 -4.96
N CYS A 1409 32.74 -4.67 -5.72
CA CYS A 1409 33.38 -4.46 -7.00
C CYS A 1409 33.97 -3.06 -7.09
N THR A 1410 35.16 -2.97 -7.67
CA THR A 1410 35.81 -1.68 -7.87
C THR A 1410 35.13 -0.93 -9.02
N ASP A 1411 35.26 0.41 -8.98
CA ASP A 1411 34.63 1.24 -9.99
C ASP A 1411 35.15 0.93 -11.39
N ASP A 1412 36.40 0.47 -11.48
CA ASP A 1412 36.98 0.19 -12.80
C ASP A 1412 36.21 -0.90 -13.52
N ARG A 1413 35.84 -1.97 -12.81
CA ARG A 1413 35.10 -3.05 -13.47
C ARG A 1413 33.67 -2.62 -13.79
N LEU A 1414 33.07 -1.77 -12.97
CA LEU A 1414 31.76 -1.21 -13.33
C LEU A 1414 31.86 -0.41 -14.63
N TRP A 1415 32.91 0.40 -14.77
CA TRP A 1415 33.11 1.12 -16.02
C TRP A 1415 33.34 0.16 -17.18
N GLU A 1416 34.10 -0.91 -16.96
CA GLU A 1416 34.32 -1.90 -18.01
C GLU A 1416 32.99 -2.50 -18.48
N ALA A 1417 32.17 -2.93 -17.53
CA ALA A 1417 30.88 -3.53 -17.88
C ALA A 1417 29.99 -2.54 -18.61
N LEU A 1418 29.97 -1.29 -18.14
CA LEU A 1418 29.16 -0.28 -18.83
C LEU A 1418 29.66 -0.05 -20.25
N GLU A 1419 30.98 -0.07 -20.44
CA GLU A 1419 31.53 0.12 -21.79
C GLU A 1419 31.18 -1.05 -22.70
N ILE A 1420 31.17 -2.27 -22.17
CA ILE A 1420 30.76 -3.42 -22.97
C ILE A 1420 29.30 -3.28 -23.35
N ALA A 1421 28.47 -2.72 -22.47
CA ALA A 1421 27.03 -2.64 -22.67
C ALA A 1421 26.60 -1.39 -23.43
N GLN A 1422 27.55 -0.59 -23.92
CA GLN A 1422 27.24 0.59 -24.75
C GLN A 1422 26.50 1.65 -23.96
N LEU A 1423 26.89 1.85 -22.70
CA LEU A 1423 26.29 2.88 -21.86
C LEU A 1423 27.33 3.78 -21.21
N LYS A 1424 28.61 3.63 -21.54
CA LYS A 1424 29.64 4.39 -20.85
C LYS A 1424 29.45 5.89 -21.03
N ASN A 1425 29.18 6.32 -22.26
CA ASN A 1425 29.03 7.75 -22.52
C ASN A 1425 27.83 8.33 -21.81
N MET A 1426 26.69 7.62 -21.84
CA MET A 1426 25.49 8.14 -21.19
C MET A 1426 25.68 8.27 -19.69
N VAL A 1427 26.27 7.25 -19.05
CA VAL A 1427 26.49 7.31 -17.62
C VAL A 1427 27.51 8.39 -17.27
N LYS A 1428 28.54 8.54 -18.11
CA LYS A 1428 29.49 9.62 -17.91
C LYS A 1428 28.79 10.98 -17.95
N SER A 1429 27.87 11.16 -18.90
CA SER A 1429 27.18 12.44 -19.03
C SER A 1429 26.23 12.70 -17.85
N LEU A 1430 25.69 11.65 -17.25
CA LEU A 1430 24.77 11.83 -16.14
C LEU A 1430 25.42 12.65 -15.03
N PRO A 1431 24.61 13.35 -14.23
CA PRO A 1431 25.21 14.24 -13.21
C PRO A 1431 26.11 13.52 -12.23
N GLY A 1432 25.67 12.40 -11.67
CA GLY A 1432 26.39 11.71 -10.63
C GLY A 1432 27.30 10.58 -11.09
N GLY A 1433 27.46 10.39 -12.39
CA GLY A 1433 28.26 9.27 -12.86
C GLY A 1433 27.69 7.97 -12.37
N LEU A 1434 28.55 7.10 -11.81
CA LEU A 1434 28.09 5.84 -11.24
C LEU A 1434 27.24 6.04 -10.00
N ASP A 1435 27.21 7.25 -9.43
CA ASP A 1435 26.36 7.58 -8.30
C ASP A 1435 25.03 8.19 -8.72
N ALA A 1436 24.79 8.33 -10.03
CA ALA A 1436 23.54 8.90 -10.49
C ALA A 1436 22.36 8.03 -10.09
N THR A 1437 21.22 8.66 -9.86
CA THR A 1437 20.07 7.97 -9.29
C THR A 1437 19.27 7.24 -10.37
N VAL A 1438 18.64 6.15 -9.95
CA VAL A 1438 17.70 5.39 -10.78
C VAL A 1438 16.39 5.35 -10.03
N THR A 1439 15.33 5.86 -10.65
CA THR A 1439 14.01 5.88 -10.02
C THR A 1439 13.37 4.50 -10.13
N GLU A 1440 12.27 4.31 -9.40
CA GLU A 1440 11.63 3.01 -9.34
C GLU A 1440 11.29 2.52 -10.75
N GLY A 1441 11.67 1.28 -11.04
CA GLY A 1441 11.43 0.71 -12.35
C GLY A 1441 12.34 1.22 -13.44
N GLY A 1442 13.35 2.02 -13.10
CA GLY A 1442 14.19 2.60 -14.12
C GLY A 1442 13.43 3.50 -15.07
N GLU A 1443 12.42 4.21 -14.57
CA GLU A 1443 11.54 4.98 -15.44
C GLU A 1443 12.20 6.23 -15.99
N ASN A 1444 13.25 6.73 -15.35
CA ASN A 1444 13.93 7.92 -15.85
C ASN A 1444 14.84 7.62 -17.04
N PHE A 1445 14.96 6.36 -17.44
CA PHE A 1445 15.73 5.97 -18.61
C PHE A 1445 14.79 5.39 -19.68
N SER A 1446 15.35 5.18 -20.86
CA SER A 1446 14.61 4.51 -21.93
C SER A 1446 14.53 3.02 -21.64
N VAL A 1447 13.59 2.35 -22.31
CA VAL A 1447 13.45 0.90 -22.16
C VAL A 1447 14.73 0.21 -22.63
N GLY A 1448 15.25 0.63 -23.79
CA GLY A 1448 16.49 0.07 -24.28
C GLY A 1448 17.64 0.29 -23.31
N GLN A 1449 17.72 1.49 -22.73
CA GLN A 1449 18.77 1.76 -21.75
C GLN A 1449 18.58 0.91 -20.50
N ARG A 1450 17.33 0.66 -20.09
CA ARG A 1450 17.10 -0.27 -18.98
C ARG A 1450 17.65 -1.65 -19.31
N GLN A 1451 17.39 -2.13 -20.52
CA GLN A 1451 17.89 -3.45 -20.91
C GLN A 1451 19.41 -3.47 -20.95
N LEU A 1452 20.04 -2.40 -21.45
CA LEU A 1452 21.49 -2.33 -21.46
C LEU A 1452 22.06 -2.35 -20.04
N PHE A 1453 21.38 -1.67 -19.11
CA PHE A 1453 21.78 -1.76 -17.71
C PHE A 1453 21.67 -3.19 -17.20
N CYS A 1454 20.59 -3.88 -17.56
CA CYS A 1454 20.46 -5.28 -17.16
C CYS A 1454 21.58 -6.13 -17.76
N LEU A 1455 22.06 -5.79 -18.95
CA LEU A 1455 23.19 -6.51 -19.53
C LEU A 1455 24.48 -6.24 -18.76
N ALA A 1456 24.72 -4.98 -18.37
CA ALA A 1456 25.90 -4.67 -17.58
C ALA A 1456 25.86 -5.40 -16.23
N ARG A 1457 24.66 -5.51 -15.65
CA ARG A 1457 24.52 -6.23 -14.38
C ARG A 1457 24.95 -7.68 -14.49
N ALA A 1458 24.81 -8.28 -15.68
CA ALA A 1458 25.28 -9.64 -15.89
C ALA A 1458 26.76 -9.67 -16.24
N PHE A 1459 27.24 -8.66 -16.97
CA PHE A 1459 28.65 -8.64 -17.36
C PHE A 1459 29.56 -8.46 -16.15
N VAL A 1460 29.09 -7.78 -15.11
CA VAL A 1460 29.96 -7.55 -13.95
C VAL A 1460 30.30 -8.87 -13.26
N ARG A 1461 29.33 -9.78 -13.14
CA ARG A 1461 29.54 -10.99 -12.35
C ARG A 1461 30.73 -11.81 -12.87
N LYS A 1462 30.88 -11.90 -14.19
CA LYS A 1462 32.05 -12.50 -14.82
C LYS A 1462 32.13 -14.00 -14.55
N SER A 1463 30.98 -14.67 -14.46
CA SER A 1463 30.97 -16.12 -14.37
C SER A 1463 31.33 -16.72 -15.73
N SER A 1464 31.41 -18.04 -15.78
CA SER A 1464 31.92 -18.73 -16.97
C SER A 1464 30.85 -19.16 -17.94
N ILE A 1465 29.58 -19.15 -17.56
CA ILE A 1465 28.47 -19.52 -18.44
C ILE A 1465 27.45 -18.40 -18.41
N LEU A 1466 27.10 -17.88 -19.58
CA LEU A 1466 26.19 -16.76 -19.72
C LEU A 1466 25.03 -17.17 -20.61
N ILE A 1467 23.83 -17.14 -20.06
CA ILE A 1467 22.61 -17.45 -20.81
C ILE A 1467 21.92 -16.12 -21.07
N MET A 1468 22.14 -15.58 -22.27
CA MET A 1468 21.44 -14.38 -22.72
C MET A 1468 20.13 -14.80 -23.37
N ASP A 1469 19.02 -14.37 -22.78
CA ASP A 1469 17.67 -14.77 -23.22
C ASP A 1469 17.02 -13.56 -23.87
N GLU A 1470 17.07 -13.51 -25.20
CA GLU A 1470 16.42 -12.45 -25.98
C GLU A 1470 16.72 -11.07 -25.38
N ALA A 1471 18.00 -10.86 -25.03
CA ALA A 1471 18.38 -9.65 -24.29
C ALA A 1471 18.38 -8.41 -25.18
N THR A 1472 18.48 -8.58 -26.49
CA THR A 1472 18.47 -7.46 -27.43
C THR A 1472 17.10 -7.30 -28.10
N ALA A 1473 16.03 -7.66 -27.41
CA ALA A 1473 14.70 -7.51 -27.97
C ALA A 1473 14.34 -6.04 -28.14
N SER A 1474 14.62 -5.23 -27.12
CA SER A 1474 14.30 -3.81 -27.14
C SER A 1474 15.44 -2.96 -27.69
N ILE A 1475 16.61 -3.53 -27.89
CA ILE A 1475 17.76 -2.78 -28.39
C ILE A 1475 17.68 -2.72 -29.91
N ASP A 1476 18.05 -1.57 -30.48
CA ASP A 1476 17.99 -1.40 -31.92
C ASP A 1476 19.12 -2.18 -32.59
N MET A 1477 18.99 -2.35 -33.91
CA MET A 1477 19.96 -3.15 -34.65
C MET A 1477 21.35 -2.51 -34.62
N ALA A 1478 21.43 -1.19 -34.76
CA ALA A 1478 22.74 -0.52 -34.80
C ALA A 1478 23.51 -0.78 -33.52
N THR A 1479 22.89 -0.56 -32.37
CA THR A 1479 23.54 -0.88 -31.11
C THR A 1479 23.76 -2.37 -30.95
N GLU A 1480 22.80 -3.18 -31.41
CA GLU A 1480 22.85 -4.62 -31.17
C GLU A 1480 24.06 -5.25 -31.86
N ASN A 1481 24.35 -4.84 -33.10
CA ASN A 1481 25.47 -5.45 -33.82
C ASN A 1481 26.79 -5.20 -33.09
N ILE A 1482 27.07 -3.94 -32.77
CA ILE A 1482 28.31 -3.61 -32.09
C ILE A 1482 28.36 -4.26 -30.73
N LEU A 1483 27.22 -4.33 -30.04
CA LEU A 1483 27.19 -4.98 -28.73
C LEU A 1483 27.55 -6.45 -28.84
N GLN A 1484 26.99 -7.16 -29.83
CA GLN A 1484 27.32 -8.57 -29.99
C GLN A 1484 28.80 -8.74 -30.33
N LYS A 1485 29.33 -7.89 -31.20
CA LYS A 1485 30.75 -7.98 -31.53
C LYS A 1485 31.61 -7.81 -30.26
N VAL A 1486 31.29 -6.81 -29.45
CA VAL A 1486 32.09 -6.54 -28.26
C VAL A 1486 31.96 -7.69 -27.26
N VAL A 1487 30.75 -8.24 -27.09
CA VAL A 1487 30.57 -9.32 -26.13
C VAL A 1487 31.31 -10.57 -26.59
N MET A 1488 31.31 -10.84 -27.89
CA MET A 1488 32.05 -11.99 -28.39
C MET A 1488 33.56 -11.80 -28.22
N THR A 1489 34.05 -10.58 -28.44
CA THR A 1489 35.47 -10.32 -28.25
C THR A 1489 35.88 -10.30 -26.79
N ALA A 1490 34.96 -10.00 -25.88
CA ALA A 1490 35.27 -9.89 -24.45
C ALA A 1490 35.08 -11.21 -23.73
N PHE A 1491 33.97 -11.91 -23.99
CA PHE A 1491 33.69 -13.21 -23.37
C PHE A 1491 34.11 -14.37 -24.26
N ALA A 1492 35.15 -14.18 -25.07
CA ALA A 1492 35.55 -15.21 -26.02
C ALA A 1492 35.92 -16.51 -25.33
N ASP A 1493 36.45 -16.43 -24.10
CA ASP A 1493 36.85 -17.65 -23.39
C ASP A 1493 35.66 -18.38 -22.81
N ARG A 1494 34.65 -17.65 -22.33
CA ARG A 1494 33.54 -18.26 -21.64
C ARG A 1494 32.56 -18.89 -22.63
N THR A 1495 31.65 -19.70 -22.08
CA THR A 1495 30.56 -20.33 -22.85
C THR A 1495 29.33 -19.46 -22.73
N VAL A 1496 28.78 -19.03 -23.86
CA VAL A 1496 27.59 -18.18 -23.88
C VAL A 1496 26.54 -18.84 -24.74
N VAL A 1497 25.36 -19.06 -24.17
CA VAL A 1497 24.20 -19.57 -24.88
C VAL A 1497 23.24 -18.40 -25.04
N THR A 1498 22.86 -18.11 -26.28
CA THR A 1498 22.04 -16.95 -26.61
C THR A 1498 20.72 -17.40 -27.21
N ILE A 1499 19.65 -17.31 -26.44
CA ILE A 1499 18.30 -17.49 -26.96
C ILE A 1499 18.00 -16.23 -27.77
N ALA A 1500 18.07 -16.32 -29.09
CA ALA A 1500 18.13 -15.14 -29.95
C ALA A 1500 16.75 -14.67 -30.37
N HIS A 1501 16.59 -13.34 -30.40
CA HIS A 1501 15.37 -12.74 -30.93
C HIS A 1501 15.40 -12.66 -32.45
N ARG A 1502 16.59 -12.57 -33.05
CA ARG A 1502 16.75 -12.56 -34.50
C ARG A 1502 17.85 -13.54 -34.86
N VAL A 1503 17.59 -14.38 -35.88
CA VAL A 1503 18.54 -15.42 -36.25
C VAL A 1503 19.81 -14.83 -36.89
N HIS A 1504 19.75 -13.60 -37.39
CA HIS A 1504 20.95 -12.98 -37.94
C HIS A 1504 22.06 -12.92 -36.89
N THR A 1505 21.69 -12.74 -35.62
CA THR A 1505 22.70 -12.68 -34.57
C THR A 1505 23.44 -14.01 -34.42
N ILE A 1506 22.70 -15.12 -34.41
CA ILE A 1506 23.29 -16.44 -34.25
C ILE A 1506 23.75 -17.07 -35.58
N LEU A 1507 23.64 -16.37 -36.70
CA LEU A 1507 24.28 -16.83 -37.93
C LEU A 1507 25.75 -17.06 -37.73
N THR A 1508 26.40 -16.27 -36.86
CA THR A 1508 27.79 -16.50 -36.47
C THR A 1508 27.78 -17.14 -35.08
N ALA A 1509 27.88 -18.46 -35.05
CA ALA A 1509 27.86 -19.19 -33.79
C ALA A 1509 28.43 -20.59 -34.02
N ASP A 1510 29.15 -21.10 -33.03
CA ASP A 1510 29.74 -22.43 -33.16
C ASP A 1510 28.66 -23.49 -33.32
N LEU A 1511 27.57 -23.37 -32.56
CA LEU A 1511 26.49 -24.35 -32.58
C LEU A 1511 25.15 -23.61 -32.59
N VAL A 1512 24.16 -24.23 -33.23
CA VAL A 1512 22.82 -23.66 -33.33
C VAL A 1512 21.80 -24.74 -32.96
N ILE A 1513 20.84 -24.36 -32.12
CA ILE A 1513 19.74 -25.24 -31.72
C ILE A 1513 18.43 -24.56 -32.10
N VAL A 1514 17.50 -25.32 -32.67
CA VAL A 1514 16.17 -24.84 -33.02
C VAL A 1514 15.15 -25.69 -32.29
N MET A 1515 14.27 -25.03 -31.52
CA MET A 1515 13.28 -25.71 -30.72
C MET A 1515 11.90 -25.56 -31.34
N LYS A 1516 11.04 -26.56 -31.12
CA LYS A 1516 9.67 -26.52 -31.63
C LYS A 1516 8.81 -27.36 -30.68
N ARG A 1517 8.02 -26.68 -29.85
CA ARG A 1517 7.14 -27.33 -28.89
C ARG A 1517 7.93 -28.29 -27.99
N GLY A 1518 9.06 -27.81 -27.51
CA GLY A 1518 9.86 -28.57 -26.56
C GLY A 1518 10.77 -29.61 -27.15
N ASN A 1519 10.87 -29.69 -28.48
CA ASN A 1519 11.70 -30.68 -29.14
C ASN A 1519 12.78 -29.97 -29.94
N ILE A 1520 14.02 -30.46 -29.84
CA ILE A 1520 15.14 -29.95 -30.63
C ILE A 1520 15.09 -30.64 -31.99
N LEU A 1521 14.84 -29.86 -33.04
CA LEU A 1521 14.70 -30.44 -34.38
C LEU A 1521 16.06 -30.63 -35.05
N GLU A 1522 16.84 -29.55 -35.16
CA GLU A 1522 18.12 -29.58 -35.84
C GLU A 1522 19.23 -29.17 -34.88
N TYR A 1523 20.37 -29.86 -34.96
CA TYR A 1523 21.49 -29.69 -34.04
C TYR A 1523 22.77 -29.75 -34.87
N ASP A 1524 23.24 -28.59 -35.32
CA ASP A 1524 24.42 -28.51 -36.17
C ASP A 1524 24.82 -27.04 -36.33
N THR A 1525 25.84 -26.81 -37.15
CA THR A 1525 26.35 -25.47 -37.38
C THR A 1525 25.39 -24.68 -38.26
N PRO A 1526 25.44 -23.34 -38.19
CA PRO A 1526 24.51 -22.55 -39.02
C PRO A 1526 24.65 -22.81 -40.50
N GLU A 1527 25.87 -23.07 -41.00
CA GLU A 1527 26.03 -23.33 -42.42
C GLU A 1527 25.29 -24.59 -42.85
N SER A 1528 25.35 -25.65 -42.04
CA SER A 1528 24.67 -26.89 -42.39
C SER A 1528 23.15 -26.67 -42.43
N LEU A 1529 22.61 -26.00 -41.42
CA LEU A 1529 21.16 -25.78 -41.38
C LEU A 1529 20.73 -24.88 -42.52
N LEU A 1530 21.54 -23.88 -42.88
CA LEU A 1530 21.21 -23.03 -44.01
C LEU A 1530 21.20 -23.83 -45.32
N ALA A 1531 22.18 -24.71 -45.50
CA ALA A 1531 22.27 -25.46 -46.75
C ALA A 1531 21.22 -26.56 -46.85
N GLN A 1532 20.56 -26.92 -45.76
CA GLN A 1532 19.51 -27.93 -45.82
C GLN A 1532 18.31 -27.40 -46.59
N GLU A 1533 17.82 -28.21 -47.53
CA GLU A 1533 16.70 -27.80 -48.37
C GLU A 1533 15.40 -27.85 -47.59
N ASP A 1534 14.64 -26.75 -47.63
CA ASP A 1534 13.35 -26.66 -46.94
C ASP A 1534 13.51 -26.77 -45.43
N GLY A 1535 14.66 -26.38 -44.92
CA GLY A 1535 14.89 -26.44 -43.49
C GLY A 1535 14.17 -25.33 -42.74
N VAL A 1536 14.06 -25.53 -41.41
CA VAL A 1536 13.38 -24.56 -40.57
C VAL A 1536 14.25 -23.32 -40.37
N PHE A 1537 15.54 -23.54 -40.09
CA PHE A 1537 16.44 -22.42 -39.83
C PHE A 1537 16.59 -21.53 -41.06
N ALA A 1538 16.65 -22.14 -42.24
CA ALA A 1538 16.72 -21.35 -43.47
C ALA A 1538 15.50 -20.45 -43.63
N SER A 1539 14.30 -21.01 -43.34
CA SER A 1539 13.09 -20.20 -43.41
C SER A 1539 13.12 -19.07 -42.39
N PHE A 1540 13.62 -19.35 -41.18
CA PHE A 1540 13.78 -18.30 -40.19
C PHE A 1540 14.65 -17.18 -40.73
N VAL A 1541 15.79 -17.55 -41.35
CA VAL A 1541 16.71 -16.55 -41.87
C VAL A 1541 16.04 -15.73 -42.97
N ARG A 1542 15.29 -16.39 -43.86
CA ARG A 1542 14.61 -15.66 -44.93
C ARG A 1542 13.62 -14.66 -44.35
N ALA A 1543 12.83 -15.10 -43.36
CA ALA A 1543 11.82 -14.21 -42.79
C ALA A 1543 12.46 -13.03 -42.07
N ASP A 1544 13.50 -13.28 -41.27
CA ASP A 1544 14.11 -12.21 -40.49
C ASP A 1544 14.80 -11.19 -41.37
N MET A 1545 15.47 -11.64 -42.43
CA MET A 1545 16.16 -10.72 -43.33
C MET A 1545 15.16 -9.85 -44.09
CAA Y01 B . -8.38 21.18 30.55
CBA Y01 B . -8.03 19.75 30.20
CAB Y01 B . -6.55 19.48 30.47
CAN Y01 B . -8.37 19.44 28.75
CAJ Y01 B . -7.64 18.19 28.26
CAO Y01 B . -7.26 18.35 26.79
CBB Y01 B . -6.76 19.77 26.62
CAC Y01 B . -5.57 20.04 27.55
CBE Y01 B . -6.47 20.22 25.19
CAP Y01 B . -5.89 21.63 25.27
CAQ Y01 B . -4.55 21.62 24.55
CBG Y01 B . -4.75 20.47 23.58
CBI Y01 B . -5.51 19.39 24.33
CAE Y01 B . -4.54 18.58 25.16
CAU Y01 B . -6.12 18.50 23.28
CAS Y01 B . -5.02 17.94 22.37
CBF Y01 B . -4.10 19.02 21.79
CBD Y01 B . -3.53 19.86 22.92
CAK Y01 B . -2.55 20.95 22.47
CAI Y01 B . -2.17 20.74 21.03
CAZ Y01 B . -2.01 19.50 20.55
CAV Y01 B . -0.88 19.20 19.61
CBH Y01 B . -2.99 18.42 20.92
CAD Y01 B . -2.28 17.33 21.71
CAT Y01 B . -3.53 17.87 19.60
CAR Y01 B . -2.40 17.51 18.63
CBC Y01 B . -1.49 18.70 18.31
OAW Y01 B . -0.46 18.30 17.39
CAY Y01 B . 0.36 19.42 16.91
OAG Y01 B . 0.26 20.52 17.41
CAM Y01 B . 1.36 19.17 15.80
CAL Y01 B . 2.73 18.90 16.39
CAX Y01 B . 3.56 20.17 16.40
OAH Y01 B . 4.74 20.19 15.77
OAF Y01 B . 3.17 21.18 16.96
PB ADP C . 9.49 -19.62 -24.79
O1B ADP C . 9.70 -18.62 -23.67
O2B ADP C . 8.89 -19.05 -26.04
O3B ADP C . 10.68 -20.53 -25.02
PA ADP C . 8.03 -20.67 -22.65
O1A ADP C . 7.74 -19.28 -22.16
O2A ADP C . 9.10 -21.50 -21.97
O3A ADP C . 8.36 -20.62 -24.22
O5' ADP C . 6.65 -21.50 -22.61
C5' ADP C . 6.56 -22.82 -23.15
C4' ADP C . 5.31 -23.44 -22.56
O4' ADP C . 5.37 -23.39 -21.13
C3' ADP C . 4.02 -22.74 -23.01
O3' ADP C . 3.19 -23.66 -23.73
C2' ADP C . 3.31 -22.29 -21.72
O2' ADP C . 1.98 -22.79 -21.66
C1' ADP C . 4.16 -22.85 -20.58
N9 ADP C . 4.48 -21.82 -19.56
C8 ADP C . 5.14 -20.68 -19.79
N7 ADP C . 5.25 -19.95 -18.65
C5 ADP C . 4.65 -20.64 -17.67
C6 ADP C . 4.41 -20.45 -16.22
N6 ADP C . 4.85 -19.33 -15.60
N1 ADP C . 3.73 -21.41 -15.55
C2 ADP C . 3.29 -22.52 -16.17
N3 ADP C . 3.48 -22.76 -17.48
C4 ADP C . 4.14 -21.88 -18.27
MG MG D . 10.60 3.93 -26.65
MG MG E . 10.83 -16.83 -23.76
PG ATP F . 14.04 3.37 -26.89
O1G ATP F . 15.32 2.86 -26.33
O2G ATP F . 14.10 3.68 -28.39
O3G ATP F . 12.82 2.50 -26.61
PB ATP F . 13.28 6.21 -26.61
O1B ATP F . 11.88 6.31 -26.95
O2B ATP F . 14.28 6.64 -27.67
O3B ATP F . 13.70 4.78 -26.20
PA ATP F . 13.30 8.39 -24.62
O1A ATP F . 12.39 8.15 -23.48
O2A ATP F . 12.71 9.28 -25.69
O3A ATP F . 13.67 7.03 -25.30
O5' ATP F . 14.72 8.80 -24.04
C5' ATP F . 15.40 10.04 -24.39
C4' ATP F . 16.04 10.62 -23.16
O4' ATP F . 14.93 10.90 -22.31
C3' ATP F . 16.84 9.53 -22.45
O3' ATP F . 18.19 9.99 -22.42
C2' ATP F . 16.32 9.54 -21.01
O2' ATP F . 17.37 10.06 -20.19
C1' ATP F . 15.26 10.64 -20.98
N9 ATP F . 14.01 10.09 -20.42
C8 ATP F . 13.30 9.01 -20.92
N7 ATP F . 12.21 8.73 -20.25
C5 ATP F . 12.19 9.67 -19.23
C6 ATP F . 11.30 9.92 -18.19
N6 ATP F . 10.21 9.20 -17.97
N1 ATP F . 11.55 10.92 -17.35
C2 ATP F . 12.64 11.65 -17.56
N3 ATP F . 13.57 11.53 -18.51
C4 ATP F . 13.30 10.51 -19.33
#